data_9KFL
#
_entry.id   9KFL
#
_cell.length_a   41.840
_cell.length_b   83.416
_cell.length_c   83.492
_cell.angle_alpha   120.06
_cell.angle_beta   90.07
_cell.angle_gamma   89.96
#
_symmetry.space_group_name_H-M   'P 1'
#
loop_
_entity.id
_entity.type
_entity.pdbx_description
1 polymer 'Isoform 2B of GTPase KRas'
2 polymer 'TIG3 peptide'
3 non-polymer 'MAGNESIUM ION'
4 non-polymer "GUANOSINE-5'-DIPHOSPHATE"
#
loop_
_entity_poly.entity_id
_entity_poly.type
_entity_poly.pdbx_seq_one_letter_code
_entity_poly.pdbx_strand_id
1 'polypeptide(L)'
;MTEYKLVVVGAVGVGKSALTIQLIQNHFVDEYDPTIEDSYRKQVVIDGETCLLDILDTAGQEEYSAMRDQYMRTGEGFLC
VFAINNTKSFEDIHHYREQIKRVKDSEDVPMVLVGNKCDLPSRTVDTKQAQDLARSYGIPFIETSAKTRQGVDDAFYTLV
REIRKHKE
;
A,D,E,H,K
2 'polypeptide(L)' EDVVGGCC P,Y
#
loop_
_chem_comp.id
_chem_comp.type
_chem_comp.name
_chem_comp.formula
GDP RNA linking GUANOSINE-5'-DIPHOSPHATE 'C10 H15 N5 O11 P2'
MG non-polymer 'MAGNESIUM ION' 'Mg 2'
#
# COMPACT_ATOMS: atom_id res chain seq x y z
N MET A 1 11.48 12.87 8.70
CA MET A 1 11.17 12.48 7.30
C MET A 1 9.65 12.51 7.08
N THR A 2 9.20 13.42 6.21
CA THR A 2 7.80 13.79 6.20
C THR A 2 6.95 12.59 5.78
N GLU A 3 5.99 12.26 6.63
CA GLU A 3 4.97 11.32 6.23
C GLU A 3 3.71 12.11 6.04
N TYR A 4 2.99 11.77 4.98
CA TYR A 4 1.66 12.33 4.75
C TYR A 4 0.64 11.22 4.91
N LYS A 5 -0.34 11.44 5.79
CA LYS A 5 -1.42 10.50 5.96
C LYS A 5 -2.60 10.93 5.09
N LEU A 6 -2.84 10.16 4.02
CA LEU A 6 -3.90 10.47 3.08
C LEU A 6 -5.02 9.45 3.25
N VAL A 7 -6.26 9.95 3.16
CA VAL A 7 -7.43 9.10 3.30
C VAL A 7 -8.28 9.25 2.05
N VAL A 8 -8.57 8.11 1.40
CA VAL A 8 -9.33 8.12 0.16
C VAL A 8 -10.77 7.72 0.50
N VAL A 9 -11.73 8.62 0.23
CA VAL A 9 -13.12 8.39 0.58
C VAL A 9 -13.97 8.58 -0.68
N GLY A 10 -15.19 8.05 -0.66
CA GLY A 10 -16.10 8.17 -1.78
C GLY A 10 -17.02 6.96 -1.91
N ALA A 11 -18.09 7.11 -2.70
CA ALA A 11 -19.08 6.06 -2.92
C ALA A 11 -18.40 4.79 -3.42
N VAL A 12 -19.03 3.65 -3.12
CA VAL A 12 -18.48 2.38 -3.51
C VAL A 12 -18.36 2.34 -5.03
N GLY A 13 -17.22 1.80 -5.50
CA GLY A 13 -17.00 1.53 -6.91
C GLY A 13 -16.66 2.78 -7.73
N VAL A 14 -16.30 3.90 -7.08
CA VAL A 14 -15.84 5.08 -7.80
C VAL A 14 -14.39 4.89 -8.21
N GLY A 15 -13.68 3.98 -7.53
CA GLY A 15 -12.33 3.64 -7.92
C GLY A 15 -11.31 4.08 -6.89
N LYS A 16 -11.71 4.17 -5.62
CA LYS A 16 -10.79 4.49 -4.54
C LYS A 16 -9.66 3.47 -4.50
N SER A 17 -10.03 2.18 -4.56
CA SER A 17 -9.08 1.08 -4.54
C SER A 17 -8.19 1.05 -5.78
N ALA A 18 -8.81 1.23 -6.96
CA ALA A 18 -8.10 1.19 -8.22
C ALA A 18 -7.07 2.32 -8.30
N LEU A 19 -7.45 3.52 -7.78
CA LEU A 19 -6.58 4.68 -7.77
C LEU A 19 -5.36 4.43 -6.86
N THR A 20 -5.64 3.88 -5.67
CA THR A 20 -4.60 3.72 -4.67
C THR A 20 -3.61 2.67 -5.15
N ILE A 21 -4.15 1.58 -5.72
CA ILE A 21 -3.30 0.51 -6.22
C ILE A 21 -2.47 1.01 -7.41
N GLN A 22 -3.09 1.80 -8.28
CA GLN A 22 -2.36 2.39 -9.37
C GLN A 22 -1.16 3.18 -8.87
N LEU A 23 -1.39 4.04 -7.88
CA LEU A 23 -0.32 4.88 -7.36
C LEU A 23 0.80 4.01 -6.79
N ILE A 24 0.40 3.01 -5.98
CA ILE A 24 1.30 2.20 -5.17
C ILE A 24 1.99 1.14 -6.01
N GLN A 25 1.24 0.46 -6.89
CA GLN A 25 1.71 -0.78 -7.50
C GLN A 25 1.80 -0.64 -9.02
N ASN A 26 1.37 0.50 -9.56
CA ASN A 26 1.54 0.83 -10.96
C ASN A 26 0.81 -0.17 -11.86
N HIS A 27 -0.36 -0.63 -11.42
CA HIS A 27 -1.23 -1.39 -12.30
C HIS A 27 -2.68 -1.17 -11.92
N PHE A 28 -3.57 -1.49 -12.87
CA PHE A 28 -4.98 -1.21 -12.71
C PHE A 28 -5.72 -2.49 -12.34
N VAL A 29 -6.41 -2.44 -11.21
CA VAL A 29 -7.12 -3.60 -10.71
C VAL A 29 -8.60 -3.38 -11.00
N ASP A 30 -9.11 -4.28 -11.84
CA ASP A 30 -10.48 -4.27 -12.33
C ASP A 30 -11.38 -4.77 -11.22
N GLU A 31 -10.88 -5.72 -10.43
CA GLU A 31 -11.70 -6.27 -9.37
C GLU A 31 -10.90 -6.32 -8.08
N TYR A 32 -11.24 -5.39 -7.20
CA TYR A 32 -10.68 -5.34 -5.87
C TYR A 32 -11.86 -5.28 -4.91
N ASP A 33 -11.94 -6.32 -4.07
CA ASP A 33 -13.02 -6.56 -3.13
C ASP A 33 -13.51 -5.23 -2.55
N PRO A 34 -14.78 -4.88 -2.85
CA PRO A 34 -15.36 -3.59 -2.45
C PRO A 34 -15.34 -3.31 -0.95
N THR A 35 -15.19 -4.37 -0.15
CA THR A 35 -15.34 -4.23 1.29
C THR A 35 -13.98 -4.07 1.96
N ILE A 36 -12.90 -4.35 1.20
CA ILE A 36 -11.60 -4.43 1.82
C ILE A 36 -11.09 -3.02 1.99
N GLU A 37 -10.85 -2.71 3.26
CA GLU A 37 -10.15 -1.50 3.62
C GLU A 37 -8.73 -1.87 3.98
N ASP A 38 -7.78 -1.09 3.48
CA ASP A 38 -6.40 -1.40 3.74
C ASP A 38 -5.58 -0.12 3.74
N SER A 39 -4.34 -0.20 4.24
CA SER A 39 -3.44 0.94 4.16
C SER A 39 -2.20 0.58 3.34
N TYR A 40 -1.62 1.61 2.70
CA TYR A 40 -0.50 1.41 1.82
C TYR A 40 0.51 2.53 2.05
N ARG A 41 1.80 2.18 1.96
CA ARG A 41 2.85 3.19 2.00
C ARG A 41 3.65 3.15 0.71
N LYS A 42 4.18 4.33 0.36
CA LYS A 42 5.07 4.47 -0.78
C LYS A 42 5.98 5.67 -0.53
N GLN A 43 7.26 5.54 -0.88
CA GLN A 43 8.13 6.69 -0.88
C GLN A 43 8.11 7.33 -2.27
N VAL A 44 7.84 8.64 -2.29
CA VAL A 44 7.69 9.35 -3.55
C VAL A 44 8.45 10.68 -3.47
N VAL A 45 8.81 11.20 -4.64
CA VAL A 45 9.43 12.50 -4.73
C VAL A 45 8.42 13.45 -5.40
N ILE A 46 8.05 14.50 -4.66
CA ILE A 46 7.07 15.47 -5.10
C ILE A 46 7.74 16.82 -5.05
N ASP A 47 7.93 17.46 -6.22
CA ASP A 47 8.57 18.77 -6.28
C ASP A 47 9.94 18.69 -5.62
N GLY A 48 10.67 17.59 -5.88
CA GLY A 48 12.03 17.44 -5.40
C GLY A 48 12.08 17.05 -3.92
N GLU A 49 10.91 17.02 -3.28
CA GLU A 49 10.89 16.66 -1.88
C GLU A 49 10.47 15.20 -1.76
N THR A 50 11.35 14.38 -1.18
CA THR A 50 11.02 13.00 -0.93
C THR A 50 10.13 12.94 0.32
N CYS A 51 9.04 12.20 0.21
CA CYS A 51 8.14 12.05 1.35
C CYS A 51 7.59 10.63 1.38
N LEU A 52 7.09 10.22 2.55
CA LEU A 52 6.40 8.95 2.68
C LEU A 52 4.90 9.21 2.61
N LEU A 53 4.25 8.49 1.68
CA LEU A 53 2.79 8.53 1.65
C LEU A 53 2.27 7.34 2.44
N ASP A 54 1.32 7.64 3.33
CA ASP A 54 0.65 6.64 4.14
C ASP A 54 -0.85 6.76 3.87
N ILE A 55 -1.37 5.84 3.06
CA ILE A 55 -2.68 6.02 2.45
C ILE A 55 -3.66 5.00 3.01
N LEU A 56 -4.79 5.49 3.53
CA LEU A 56 -5.89 4.61 3.87
C LEU A 56 -6.88 4.57 2.70
N ASP A 57 -7.07 3.36 2.16
CA ASP A 57 -8.06 3.12 1.12
C ASP A 57 -9.34 2.63 1.80
N THR A 58 -10.29 3.56 2.01
CA THR A 58 -11.49 3.25 2.78
C THR A 58 -12.43 2.40 1.93
N ALA A 59 -13.20 1.56 2.63
CA ALA A 59 -14.20 0.77 1.96
C ALA A 59 -15.28 0.75 3.00
N GLY A 60 -16.26 1.63 2.84
CA GLY A 60 -16.98 2.18 3.97
C GLY A 60 -17.65 1.10 4.80
N GLN A 61 -16.85 0.37 5.58
CA GLN A 61 -17.46 -0.60 6.46
C GLN A 61 -18.15 0.17 7.57
N GLU A 62 -19.24 -0.44 8.08
CA GLU A 62 -19.85 0.00 9.32
C GLU A 62 -19.36 -0.87 10.47
N GLU A 63 -18.11 -1.35 10.40
CA GLU A 63 -17.51 -2.20 11.41
C GLU A 63 -16.34 -1.51 12.10
N TYR A 64 -16.47 -1.46 13.42
CA TYR A 64 -15.72 -0.48 14.18
C TYR A 64 -14.26 -0.91 14.28
N SER A 65 -13.39 -0.26 13.53
CA SER A 65 -11.99 -0.60 13.76
C SER A 65 -11.32 0.59 14.43
N ALA A 66 -10.56 0.31 15.50
CA ALA A 66 -9.87 1.37 16.24
C ALA A 66 -8.92 2.11 15.30
N MET A 67 -8.36 1.36 14.34
CA MET A 67 -7.43 1.88 13.37
C MET A 67 -8.13 2.95 12.52
N ARG A 68 -9.36 2.66 12.05
CA ARG A 68 -10.10 3.54 11.16
C ARG A 68 -10.48 4.83 11.87
N ASP A 69 -10.83 4.73 13.14
CA ASP A 69 -11.16 5.91 13.93
C ASP A 69 -9.92 6.79 14.02
N GLN A 70 -8.79 6.14 14.31
CA GLN A 70 -7.54 6.87 14.47
C GLN A 70 -7.24 7.55 13.13
N TYR A 71 -7.57 6.85 12.05
CA TYR A 71 -7.25 7.33 10.72
C TYR A 71 -8.06 8.55 10.33
N MET A 72 -9.30 8.60 10.78
CA MET A 72 -10.09 9.71 10.30
C MET A 72 -9.63 10.97 11.02
N ARG A 73 -9.38 10.77 12.31
CA ARG A 73 -8.82 11.72 13.25
C ARG A 73 -7.46 12.23 12.76
N THR A 74 -6.53 11.31 12.51
CA THR A 74 -5.14 11.65 12.22
C THR A 74 -4.85 11.71 10.72
N GLY A 75 -5.87 11.48 9.88
CA GLY A 75 -5.71 11.69 8.44
C GLY A 75 -5.55 13.17 8.11
N GLU A 76 -4.53 13.49 7.32
CA GLU A 76 -4.10 14.86 7.16
C GLU A 76 -4.78 15.47 5.93
N GLY A 77 -5.02 14.62 4.93
CA GLY A 77 -5.69 15.06 3.72
C GLY A 77 -6.64 14.00 3.21
N PHE A 78 -7.71 14.44 2.53
CA PHE A 78 -8.75 13.53 2.06
C PHE A 78 -8.96 13.72 0.56
N LEU A 79 -8.83 12.61 -0.18
CA LEU A 79 -9.31 12.57 -1.54
C LEU A 79 -10.80 12.25 -1.50
N CYS A 80 -11.63 13.17 -1.97
CA CYS A 80 -13.05 12.90 -2.13
C CYS A 80 -13.30 12.51 -3.58
N VAL A 81 -13.57 11.22 -3.80
CA VAL A 81 -13.61 10.67 -5.16
C VAL A 81 -15.05 10.44 -5.58
N PHE A 82 -15.37 10.87 -6.81
CA PHE A 82 -16.55 10.45 -7.51
C PHE A 82 -16.14 9.88 -8.88
N ALA A 83 -17.08 9.21 -9.55
CA ALA A 83 -16.88 8.77 -10.92
C ALA A 83 -17.64 9.69 -11.87
N ILE A 84 -17.00 10.12 -12.96
CA ILE A 84 -17.56 11.12 -13.86
C ILE A 84 -18.75 10.56 -14.63
N ASN A 85 -18.94 9.24 -14.60
CA ASN A 85 -20.07 8.64 -15.29
C ASN A 85 -21.07 8.11 -14.26
N ASN A 86 -20.99 8.62 -13.03
CA ASN A 86 -21.84 8.17 -11.94
C ASN A 86 -22.34 9.39 -11.15
N THR A 87 -23.56 9.85 -11.46
CA THR A 87 -24.12 11.06 -10.90
C THR A 87 -24.27 10.93 -9.37
N LYS A 88 -24.73 9.76 -8.90
CA LYS A 88 -24.96 9.55 -7.48
C LYS A 88 -23.67 9.81 -6.69
N SER A 89 -22.55 9.33 -7.25
CA SER A 89 -21.27 9.41 -6.57
C SER A 89 -20.90 10.87 -6.38
N PHE A 90 -21.30 11.70 -7.35
CA PHE A 90 -21.06 13.13 -7.30
C PHE A 90 -21.95 13.78 -6.23
N GLU A 91 -23.21 13.34 -6.15
CA GLU A 91 -24.16 13.87 -5.18
C GLU A 91 -23.68 13.59 -3.76
N ASP A 92 -23.03 12.43 -3.60
CA ASP A 92 -22.55 11.95 -2.31
C ASP A 92 -21.41 12.80 -1.75
N ILE A 93 -20.71 13.53 -2.61
CA ILE A 93 -19.45 14.20 -2.24
C ILE A 93 -19.71 15.12 -1.07
N HIS A 94 -20.85 15.81 -1.16
CA HIS A 94 -21.14 16.82 -0.18
C HIS A 94 -21.16 16.21 1.21
N HIS A 95 -21.76 15.02 1.27
CA HIS A 95 -21.85 14.22 2.48
C HIS A 95 -20.47 13.92 3.04
N TYR A 96 -19.55 13.49 2.16
CA TYR A 96 -18.20 13.12 2.58
C TYR A 96 -17.47 14.34 3.13
N ARG A 97 -17.60 15.47 2.43
CA ARG A 97 -16.95 16.70 2.86
C ARG A 97 -17.44 17.07 4.26
N GLU A 98 -18.77 17.00 4.45
CA GLU A 98 -19.40 17.36 5.72
C GLU A 98 -18.83 16.51 6.84
N GLN A 99 -18.73 15.21 6.54
CA GLN A 99 -18.27 14.25 7.52
C GLN A 99 -16.85 14.59 7.95
N ILE A 100 -16.01 14.94 6.97
CA ILE A 100 -14.61 15.17 7.22
C ILE A 100 -14.46 16.43 8.06
N LYS A 101 -15.26 17.45 7.73
CA LYS A 101 -15.21 18.70 8.48
C LYS A 101 -15.60 18.46 9.93
N ARG A 102 -16.59 17.57 10.15
CA ARG A 102 -17.08 17.26 11.48
C ARG A 102 -16.06 16.45 12.30
N VAL A 103 -15.42 15.45 11.65
CA VAL A 103 -14.40 14.61 12.27
C VAL A 103 -13.22 15.46 12.71
N LYS A 104 -12.78 16.33 11.79
CA LYS A 104 -11.61 17.17 12.00
C LYS A 104 -12.00 18.42 12.79
N ASP A 105 -13.31 18.66 12.90
CA ASP A 105 -13.86 19.85 13.51
C ASP A 105 -13.15 21.10 12.99
N SER A 106 -13.11 21.23 11.65
CA SER A 106 -12.42 22.32 10.98
C SER A 106 -13.01 22.55 9.59
N GLU A 107 -12.99 23.82 9.18
CA GLU A 107 -13.49 24.25 7.88
C GLU A 107 -12.34 24.20 6.88
N ASP A 108 -11.11 24.08 7.42
CA ASP A 108 -9.90 24.06 6.64
C ASP A 108 -9.18 22.73 6.84
N VAL A 109 -9.64 21.75 6.08
CA VAL A 109 -9.01 20.45 6.01
C VAL A 109 -8.50 20.29 4.58
N PRO A 110 -7.19 20.00 4.38
CA PRO A 110 -6.69 19.69 3.04
C PRO A 110 -7.51 18.58 2.39
N MET A 111 -7.96 18.85 1.18
CA MET A 111 -8.91 17.99 0.51
C MET A 111 -8.80 18.24 -0.99
N VAL A 112 -8.99 17.19 -1.78
CA VAL A 112 -9.01 17.33 -3.22
C VAL A 112 -10.26 16.60 -3.74
N LEU A 113 -11.03 17.28 -4.59
CA LEU A 113 -12.15 16.63 -5.27
C LEU A 113 -11.60 15.92 -6.51
N VAL A 114 -11.89 14.61 -6.62
CA VAL A 114 -11.30 13.81 -7.69
C VAL A 114 -12.44 13.21 -8.50
N GLY A 115 -12.47 13.56 -9.79
CA GLY A 115 -13.37 12.94 -10.74
C GLY A 115 -12.65 11.80 -11.48
N ASN A 116 -12.95 10.56 -11.07
CA ASN A 116 -12.28 9.39 -11.59
C ASN A 116 -13.03 8.82 -12.81
N LYS A 117 -12.35 7.96 -13.57
CA LYS A 117 -12.92 7.29 -14.75
C LYS A 117 -13.03 8.27 -15.92
N CYS A 118 -12.05 9.17 -16.01
CA CYS A 118 -11.95 10.19 -17.05
C CYS A 118 -11.82 9.57 -18.44
N ASP A 119 -11.52 8.25 -18.48
CA ASP A 119 -11.25 7.54 -19.72
C ASP A 119 -12.57 7.19 -20.42
N LEU A 120 -13.67 7.25 -19.66
CA LEU A 120 -14.97 6.85 -20.17
C LEU A 120 -15.58 7.94 -21.05
N PRO A 121 -16.18 7.54 -22.19
CA PRO A 121 -16.93 8.47 -23.05
C PRO A 121 -18.32 8.82 -22.53
N SER A 122 -18.82 8.04 -21.55
CA SER A 122 -20.17 8.14 -21.03
C SER A 122 -20.25 9.09 -19.82
N ARG A 123 -19.78 10.33 -20.02
CA ARG A 123 -19.70 11.24 -18.90
C ARG A 123 -21.08 11.82 -18.59
N THR A 124 -21.44 11.85 -17.30
CA THR A 124 -22.72 12.38 -16.88
C THR A 124 -22.52 13.58 -15.94
N VAL A 125 -21.31 13.72 -15.39
CA VAL A 125 -20.99 14.86 -14.56
C VAL A 125 -20.00 15.73 -15.32
N ASP A 126 -20.44 16.91 -15.78
CA ASP A 126 -19.50 17.67 -16.57
C ASP A 126 -18.44 18.30 -15.65
N THR A 127 -17.33 18.62 -16.29
CA THR A 127 -16.17 19.09 -15.58
C THR A 127 -16.52 20.40 -14.88
N LYS A 128 -17.33 21.22 -15.54
CA LYS A 128 -17.58 22.53 -14.98
C LYS A 128 -18.41 22.42 -13.70
N GLN A 129 -19.29 21.43 -13.62
CA GLN A 129 -20.08 21.21 -12.42
C GLN A 129 -19.15 20.88 -11.26
N ALA A 130 -18.19 20.00 -11.53
CA ALA A 130 -17.21 19.55 -10.56
C ALA A 130 -16.32 20.71 -10.16
N GLN A 131 -15.91 21.52 -11.15
CA GLN A 131 -15.08 22.69 -10.89
C GLN A 131 -15.85 23.68 -10.03
N ASP A 132 -17.14 23.88 -10.30
CA ASP A 132 -17.98 24.78 -9.51
C ASP A 132 -18.06 24.31 -8.07
N LEU A 133 -18.20 22.99 -7.89
CA LEU A 133 -18.32 22.44 -6.55
C LEU A 133 -17.01 22.65 -5.81
N ALA A 134 -15.89 22.32 -6.45
CA ALA A 134 -14.56 22.46 -5.87
C ALA A 134 -14.31 23.93 -5.53
N ARG A 135 -14.73 24.83 -6.42
CA ARG A 135 -14.55 26.25 -6.20
C ARG A 135 -15.31 26.69 -4.95
N SER A 136 -16.55 26.19 -4.82
CA SER A 136 -17.36 26.58 -3.68
C SER A 136 -16.67 26.16 -2.38
N TYR A 137 -15.95 25.04 -2.45
CA TYR A 137 -15.26 24.46 -1.32
C TYR A 137 -13.86 25.04 -1.16
N GLY A 138 -13.36 25.71 -2.22
CA GLY A 138 -12.03 26.29 -2.23
C GLY A 138 -10.95 25.22 -2.20
N ILE A 139 -11.18 24.13 -2.94
CA ILE A 139 -10.22 23.03 -2.99
C ILE A 139 -9.96 22.73 -4.46
N PRO A 140 -8.82 22.08 -4.77
CA PRO A 140 -8.51 21.65 -6.14
C PRO A 140 -9.51 20.61 -6.62
N PHE A 141 -9.75 20.61 -7.93
CA PHE A 141 -10.46 19.52 -8.58
C PHE A 141 -9.56 18.91 -9.65
N ILE A 142 -9.40 17.58 -9.62
CA ILE A 142 -8.52 16.89 -10.54
C ILE A 142 -9.29 15.77 -11.21
N GLU A 143 -9.10 15.63 -12.52
CA GLU A 143 -9.64 14.49 -13.24
C GLU A 143 -8.62 13.36 -13.30
N THR A 144 -9.09 12.16 -12.97
CA THR A 144 -8.20 11.00 -12.97
C THR A 144 -8.81 9.84 -13.74
N SER A 145 -7.94 8.97 -14.23
CA SER A 145 -8.33 7.66 -14.69
C SER A 145 -7.37 6.65 -14.09
N ALA A 146 -7.90 5.79 -13.20
CA ALA A 146 -7.09 4.72 -12.62
C ALA A 146 -6.68 3.72 -13.71
N LYS A 147 -7.44 3.69 -14.82
CA LYS A 147 -7.18 2.71 -15.85
C LYS A 147 -5.94 3.09 -16.67
N THR A 148 -5.83 4.38 -16.99
CA THR A 148 -4.79 4.88 -17.88
C THR A 148 -3.71 5.61 -17.10
N ARG A 149 -3.93 5.77 -15.78
CA ARG A 149 -2.97 6.46 -14.92
C ARG A 149 -3.07 7.99 -15.09
N GLN A 150 -3.99 8.46 -15.93
CA GLN A 150 -4.20 9.90 -16.08
C GLN A 150 -4.42 10.56 -14.72
N GLY A 151 -3.56 11.55 -14.42
CA GLY A 151 -3.75 12.43 -13.30
C GLY A 151 -3.62 11.72 -11.95
N VAL A 152 -3.12 10.47 -11.96
CA VAL A 152 -3.07 9.68 -10.74
C VAL A 152 -2.03 10.24 -9.77
N ASP A 153 -0.80 10.41 -10.27
CA ASP A 153 0.23 11.05 -9.46
C ASP A 153 -0.28 12.43 -9.05
N ASP A 154 -0.92 13.11 -10.00
CA ASP A 154 -1.46 14.44 -9.80
C ASP A 154 -2.42 14.51 -8.60
N ALA A 155 -3.39 13.60 -8.54
CA ALA A 155 -4.39 13.63 -7.48
C ALA A 155 -3.73 13.57 -6.12
N PHE A 156 -2.85 12.56 -5.93
CA PHE A 156 -2.24 12.30 -4.64
C PHE A 156 -1.25 13.41 -4.30
N TYR A 157 -0.48 13.83 -5.31
CA TYR A 157 0.56 14.81 -5.08
C TYR A 157 -0.08 16.14 -4.73
N THR A 158 -1.24 16.43 -5.35
CA THR A 158 -1.96 17.69 -5.12
C THR A 158 -2.47 17.75 -3.68
N LEU A 159 -2.90 16.59 -3.17
CA LEU A 159 -3.34 16.53 -1.80
C LEU A 159 -2.17 16.81 -0.86
N VAL A 160 -0.99 16.25 -1.19
CA VAL A 160 0.22 16.48 -0.42
C VAL A 160 0.51 17.98 -0.42
N ARG A 161 0.43 18.60 -1.60
CA ARG A 161 0.67 20.03 -1.71
C ARG A 161 -0.32 20.82 -0.87
N GLU A 162 -1.58 20.36 -0.80
CA GLU A 162 -2.60 20.99 0.04
C GLU A 162 -2.21 20.92 1.51
N ILE A 163 -1.72 19.75 1.91
CA ILE A 163 -1.27 19.50 3.27
C ILE A 163 -0.06 20.39 3.59
N ARG A 164 0.90 20.44 2.66
CA ARG A 164 2.10 21.24 2.83
C ARG A 164 1.70 22.68 3.10
N LYS A 165 0.73 23.22 2.34
CA LYS A 165 0.30 24.59 2.52
C LYS A 165 -0.26 24.77 3.93
N HIS A 166 -1.13 23.83 4.30
CA HIS A 166 -1.84 23.87 5.56
C HIS A 166 -0.86 23.89 6.74
N LYS A 167 0.14 23.02 6.68
CA LYS A 167 1.11 22.87 7.76
C LYS A 167 2.01 24.10 7.88
N GLU A 168 2.22 24.80 6.75
CA GLU A 168 3.20 25.87 6.64
C GLU A 168 2.57 27.26 6.80
N MET B 1 -25.62 -26.93 -23.22
CA MET B 1 -24.63 -25.97 -22.64
C MET B 1 -23.25 -26.62 -22.54
N THR B 2 -22.30 -26.00 -23.23
CA THR B 2 -20.92 -26.45 -23.27
C THR B 2 -20.38 -26.59 -21.84
N GLU B 3 -19.75 -27.71 -21.58
CA GLU B 3 -18.98 -27.78 -20.34
C GLU B 3 -17.50 -27.67 -20.68
N TYR B 4 -16.79 -26.89 -19.86
CA TYR B 4 -15.36 -26.79 -19.98
C TYR B 4 -14.73 -27.44 -18.76
N LYS B 5 -13.82 -28.38 -18.99
CA LYS B 5 -13.13 -29.04 -17.90
C LYS B 5 -11.79 -28.36 -17.69
N LEU B 6 -11.68 -27.67 -16.55
CA LEU B 6 -10.47 -26.95 -16.19
C LEU B 6 -9.80 -27.69 -15.04
N VAL B 7 -8.47 -27.75 -15.10
CA VAL B 7 -7.69 -28.42 -14.08
C VAL B 7 -6.66 -27.44 -13.52
N VAL B 8 -6.70 -27.25 -12.20
CA VAL B 8 -5.84 -26.29 -11.55
C VAL B 8 -4.69 -27.06 -10.91
N VAL B 9 -3.45 -26.77 -11.37
CA VAL B 9 -2.28 -27.48 -10.93
C VAL B 9 -1.27 -26.47 -10.38
N GLY B 10 -0.31 -27.00 -9.59
CA GLY B 10 0.74 -26.16 -9.02
C GLY B 10 1.21 -26.70 -7.66
N ALA B 11 2.33 -26.14 -7.19
CA ALA B 11 2.94 -26.52 -5.92
C ALA B 11 1.94 -26.31 -4.79
N VAL B 12 2.14 -27.07 -3.71
CA VAL B 12 1.19 -27.02 -2.62
C VAL B 12 1.17 -25.61 -2.03
N GLY B 13 -0.05 -25.12 -1.72
CA GLY B 13 -0.25 -23.88 -0.99
C GLY B 13 -0.07 -22.62 -1.83
N VAL B 14 -0.01 -22.76 -3.17
CA VAL B 14 0.12 -21.59 -4.05
C VAL B 14 -1.22 -20.88 -4.18
N GLY B 15 -2.30 -21.58 -3.84
CA GLY B 15 -3.61 -20.98 -3.76
C GLY B 15 -4.53 -21.53 -4.84
N LYS B 16 -4.28 -22.79 -5.27
CA LYS B 16 -5.17 -23.45 -6.21
C LYS B 16 -6.58 -23.49 -5.63
N SER B 17 -6.69 -23.90 -4.34
CA SER B 17 -7.96 -24.00 -3.63
C SER B 17 -8.59 -22.63 -3.41
N ALA B 18 -7.78 -21.66 -2.97
CA ALA B 18 -8.27 -20.33 -2.67
C ALA B 18 -8.82 -19.66 -3.93
N LEU B 19 -8.13 -19.87 -5.07
CA LEU B 19 -8.56 -19.32 -6.35
C LEU B 19 -9.88 -19.94 -6.80
N THR B 20 -9.96 -21.28 -6.69
CA THR B 20 -11.12 -21.99 -7.18
C THR B 20 -12.33 -21.64 -6.34
N ILE B 21 -12.13 -21.56 -5.02
CA ILE B 21 -13.21 -21.22 -4.12
C ILE B 21 -13.65 -19.78 -4.35
N GLN B 22 -12.69 -18.89 -4.58
CA GLN B 22 -13.03 -17.52 -4.91
C GLN B 22 -13.94 -17.48 -6.13
N LEU B 23 -13.57 -18.19 -7.19
CA LEU B 23 -14.36 -18.17 -8.40
C LEU B 23 -15.77 -18.70 -8.12
N ILE B 24 -15.83 -19.84 -7.43
CA ILE B 24 -17.06 -20.61 -7.24
C ILE B 24 -17.95 -19.95 -6.18
N GLN B 25 -17.35 -19.53 -5.06
CA GLN B 25 -18.13 -19.23 -3.88
C GLN B 25 -17.96 -17.77 -3.47
N ASN B 26 -17.10 -17.04 -4.18
CA ASN B 26 -16.94 -15.60 -4.01
C ASN B 26 -16.49 -15.27 -2.59
N HIS B 27 -15.63 -16.13 -2.01
CA HIS B 27 -14.98 -15.74 -0.77
C HIS B 27 -13.59 -16.34 -0.69
N PHE B 28 -12.78 -15.74 0.17
CA PHE B 28 -11.41 -16.13 0.35
C PHE B 28 -11.28 -16.98 1.61
N VAL B 29 -10.76 -18.19 1.44
CA VAL B 29 -10.71 -19.17 2.50
C VAL B 29 -9.33 -19.12 3.12
N ASP B 30 -9.31 -18.89 4.43
CA ASP B 30 -8.09 -18.79 5.22
C ASP B 30 -7.41 -20.17 5.29
N GLU B 31 -8.25 -21.20 5.40
CA GLU B 31 -7.74 -22.53 5.64
C GLU B 31 -8.56 -23.51 4.84
N TYR B 32 -7.97 -24.03 3.77
CA TYR B 32 -8.60 -25.11 3.05
C TYR B 32 -7.59 -26.23 2.96
N ASP B 33 -7.96 -27.38 3.56
CA ASP B 33 -7.07 -28.53 3.73
C ASP B 33 -6.28 -28.73 2.46
N PRO B 34 -4.93 -28.63 2.53
CA PRO B 34 -4.07 -28.73 1.36
C PRO B 34 -4.21 -30.04 0.58
N THR B 35 -4.76 -31.08 1.20
CA THR B 35 -4.77 -32.39 0.57
C THR B 35 -6.12 -32.67 -0.08
N ILE B 36 -7.09 -31.80 0.17
CA ILE B 36 -8.44 -32.07 -0.28
C ILE B 36 -8.54 -31.65 -1.73
N GLU B 37 -8.82 -32.68 -2.52
CA GLU B 37 -9.04 -32.51 -3.94
C GLU B 37 -10.54 -32.60 -4.18
N ASP B 38 -11.05 -31.61 -4.90
CA ASP B 38 -12.48 -31.64 -5.15
C ASP B 38 -12.73 -31.07 -6.54
N SER B 39 -13.91 -31.41 -7.07
CA SER B 39 -14.33 -30.81 -8.31
C SER B 39 -15.50 -29.86 -8.06
N TYR B 40 -15.56 -28.81 -8.86
CA TYR B 40 -16.55 -27.75 -8.67
C TYR B 40 -17.13 -27.40 -10.03
N ARG B 41 -18.43 -27.08 -10.04
CA ARG B 41 -19.04 -26.57 -11.25
C ARG B 41 -19.62 -25.20 -10.96
N LYS B 42 -19.59 -24.36 -12.00
CA LYS B 42 -20.18 -23.05 -11.93
C LYS B 42 -20.69 -22.70 -13.32
N GLN B 43 -21.89 -22.15 -13.37
CA GLN B 43 -22.38 -21.63 -14.64
C GLN B 43 -21.98 -20.17 -14.76
N VAL B 44 -21.36 -19.85 -15.89
CA VAL B 44 -20.89 -18.49 -16.12
C VAL B 44 -21.28 -18.07 -17.54
N VAL B 45 -21.27 -16.75 -17.75
CA VAL B 45 -21.40 -16.22 -19.10
C VAL B 45 -20.06 -15.60 -19.47
N ILE B 46 -19.46 -16.12 -20.55
CA ILE B 46 -18.17 -15.65 -21.02
C ILE B 46 -18.34 -15.25 -22.48
N ASP B 47 -18.17 -13.96 -22.80
CA ASP B 47 -18.34 -13.47 -24.16
C ASP B 47 -19.72 -13.88 -24.69
N GLY B 48 -20.74 -13.68 -23.83
CA GLY B 48 -22.12 -13.90 -24.21
C GLY B 48 -22.45 -15.39 -24.29
N GLU B 49 -21.46 -16.23 -24.04
CA GLU B 49 -21.77 -17.65 -24.11
C GLU B 49 -21.87 -18.20 -22.71
N THR B 50 -23.04 -18.74 -22.40
CA THR B 50 -23.24 -19.43 -21.13
C THR B 50 -22.63 -20.82 -21.25
N CYS B 51 -21.81 -21.13 -20.25
CA CYS B 51 -21.11 -22.38 -20.24
C CYS B 51 -21.04 -22.87 -18.80
N LEU B 52 -20.83 -24.18 -18.67
CA LEU B 52 -20.54 -24.76 -17.37
C LEU B 52 -19.03 -24.90 -17.25
N LEU B 53 -18.49 -24.34 -16.17
CA LEU B 53 -17.11 -24.62 -15.83
C LEU B 53 -17.10 -25.80 -14.87
N ASP B 54 -16.25 -26.77 -15.19
CA ASP B 54 -16.06 -27.97 -14.40
C ASP B 54 -14.60 -28.01 -14.00
N ILE B 55 -14.33 -27.66 -12.74
CA ILE B 55 -12.97 -27.36 -12.30
C ILE B 55 -12.50 -28.44 -11.33
N LEU B 56 -11.34 -29.03 -11.65
CA LEU B 56 -10.68 -29.90 -10.68
C LEU B 56 -9.62 -29.08 -9.95
N ASP B 57 -9.80 -29.00 -8.62
CA ASP B 57 -8.81 -28.37 -7.76
C ASP B 57 -7.91 -29.48 -7.21
N THR B 58 -6.72 -29.62 -7.85
CA THR B 58 -5.81 -30.72 -7.53
C THR B 58 -5.12 -30.46 -6.20
N ALA B 59 -4.79 -31.54 -5.51
CA ALA B 59 -4.18 -31.35 -4.21
C ALA B 59 -2.90 -32.17 -4.16
N GLY B 60 -2.62 -32.84 -5.27
CA GLY B 60 -1.39 -33.60 -5.46
C GLY B 60 -1.19 -34.60 -4.35
N GLN B 61 -2.26 -35.31 -3.98
CA GLN B 61 -2.01 -36.43 -3.12
C GLN B 61 -1.54 -37.53 -4.05
N GLU B 62 -0.55 -38.31 -3.59
CA GLU B 62 -0.12 -39.46 -4.38
C GLU B 62 -1.13 -40.60 -4.24
N GLU B 63 -2.41 -40.26 -4.11
CA GLU B 63 -3.48 -41.20 -3.82
C GLU B 63 -4.58 -41.10 -4.85
N TYR B 64 -4.93 -42.24 -5.41
CA TYR B 64 -5.47 -42.18 -6.75
C TYR B 64 -6.98 -42.12 -6.68
N SER B 65 -7.56 -40.99 -7.05
CA SER B 65 -9.01 -40.95 -7.13
C SER B 65 -9.43 -41.05 -8.60
N ALA B 66 -10.46 -41.86 -8.87
CA ALA B 66 -10.88 -42.12 -10.24
C ALA B 66 -11.28 -40.83 -10.92
N MET B 67 -11.80 -39.90 -10.12
CA MET B 67 -12.21 -38.59 -10.60
C MET B 67 -11.01 -37.83 -11.19
N ARG B 68 -9.89 -37.84 -10.46
CA ARG B 68 -8.70 -37.07 -10.82
C ARG B 68 -8.06 -37.64 -12.08
N ASP B 69 -8.04 -38.97 -12.20
CA ASP B 69 -7.44 -39.60 -13.35
C ASP B 69 -8.20 -39.19 -14.60
N GLN B 70 -9.54 -39.30 -14.47
CA GLN B 70 -10.43 -38.99 -15.57
C GLN B 70 -10.17 -37.55 -15.96
N TYR B 71 -9.95 -36.71 -14.93
CA TYR B 71 -9.80 -35.29 -15.13
C TYR B 71 -8.51 -34.92 -15.84
N MET B 72 -7.45 -35.69 -15.62
CA MET B 72 -6.21 -35.26 -16.24
C MET B 72 -6.32 -35.49 -17.75
N ARG B 73 -6.86 -36.68 -18.03
CA ARG B 73 -7.16 -37.21 -19.33
C ARG B 73 -8.16 -36.29 -20.06
N THR B 74 -9.31 -36.04 -19.42
CA THR B 74 -10.40 -35.31 -20.05
C THR B 74 -10.39 -33.82 -19.72
N GLY B 75 -9.37 -33.37 -18.99
CA GLY B 75 -9.16 -31.95 -18.72
C GLY B 75 -8.79 -31.20 -20.01
N GLU B 76 -9.51 -30.12 -20.28
CA GLU B 76 -9.39 -29.45 -21.57
C GLU B 76 -8.40 -28.30 -21.47
N GLY B 77 -8.31 -27.71 -20.28
CA GLY B 77 -7.39 -26.61 -20.05
C GLY B 77 -6.82 -26.65 -18.64
N PHE B 78 -5.59 -26.13 -18.50
CA PHE B 78 -4.86 -26.22 -17.24
C PHE B 78 -4.43 -24.83 -16.79
N LEU B 79 -4.82 -24.47 -15.57
CA LEU B 79 -4.24 -23.31 -14.90
C LEU B 79 -2.98 -23.79 -14.21
N CYS B 80 -1.82 -23.27 -14.65
CA CYS B 80 -0.57 -23.55 -13.98
C CYS B 80 -0.26 -22.40 -13.04
N VAL B 81 -0.42 -22.68 -11.74
CA VAL B 81 -0.43 -21.62 -10.73
C VAL B 81 0.88 -21.67 -9.96
N PHE B 82 1.47 -20.48 -9.79
CA PHE B 82 2.52 -20.28 -8.81
C PHE B 82 2.11 -19.14 -7.88
N ALA B 83 2.85 -18.98 -6.78
CA ALA B 83 2.71 -17.83 -5.93
C ALA B 83 3.88 -16.85 -6.18
N ILE B 84 3.57 -15.56 -6.28
CA ILE B 84 4.56 -14.55 -6.67
C ILE B 84 5.56 -14.32 -5.54
N ASN B 85 5.30 -14.86 -4.34
CA ASN B 85 6.22 -14.73 -3.22
C ASN B 85 6.84 -16.10 -2.91
N ASN B 86 6.77 -17.03 -3.87
CA ASN B 86 7.29 -18.37 -3.67
C ASN B 86 8.08 -18.75 -4.92
N THR B 87 9.41 -18.60 -4.85
CA THR B 87 10.26 -18.84 -6.01
C THR B 87 10.18 -20.30 -6.46
N LYS B 88 10.17 -21.21 -5.49
CA LYS B 88 10.15 -22.63 -5.78
C LYS B 88 8.93 -22.99 -6.64
N SER B 89 7.79 -22.38 -6.29
CA SER B 89 6.54 -22.68 -6.97
C SER B 89 6.63 -22.27 -8.43
N PHE B 90 7.40 -21.21 -8.69
CA PHE B 90 7.64 -20.74 -10.04
C PHE B 90 8.57 -21.72 -10.77
N GLU B 91 9.59 -22.21 -10.06
CA GLU B 91 10.56 -23.13 -10.64
C GLU B 91 9.89 -24.45 -11.02
N ASP B 92 8.82 -24.78 -10.31
CA ASP B 92 8.10 -26.01 -10.54
C ASP B 92 7.25 -25.96 -11.81
N ILE B 93 6.92 -24.76 -12.32
CA ILE B 93 5.89 -24.62 -13.36
C ILE B 93 6.24 -25.47 -14.56
N HIS B 94 7.52 -25.44 -14.91
CA HIS B 94 8.00 -26.13 -16.08
C HIS B 94 7.66 -27.61 -16.01
N HIS B 95 7.83 -28.14 -14.80
CA HIS B 95 7.53 -29.52 -14.48
C HIS B 95 6.06 -29.82 -14.73
N TYR B 96 5.18 -28.92 -14.30
CA TYR B 96 3.74 -29.10 -14.46
C TYR B 96 3.37 -29.09 -15.94
N ARG B 97 3.94 -28.13 -16.67
CA ARG B 97 3.68 -28.03 -18.09
C ARG B 97 4.08 -29.34 -18.80
N GLU B 98 5.26 -29.86 -18.45
CA GLU B 98 5.79 -31.10 -19.01
C GLU B 98 4.82 -32.25 -18.80
N GLN B 99 4.32 -32.32 -17.57
CA GLN B 99 3.44 -33.40 -17.15
C GLN B 99 2.16 -33.35 -17.99
N ILE B 100 1.64 -32.12 -18.19
CA ILE B 100 0.38 -31.93 -18.89
C ILE B 100 0.54 -32.37 -20.34
N LYS B 101 1.68 -32.00 -20.92
CA LYS B 101 1.95 -32.36 -22.30
C LYS B 101 2.03 -33.87 -22.44
N ARG B 102 2.56 -34.55 -21.42
CA ARG B 102 2.69 -36.00 -21.42
C ARG B 102 1.34 -36.71 -21.25
N VAL B 103 0.47 -36.19 -20.36
CA VAL B 103 -0.88 -36.72 -20.13
C VAL B 103 -1.70 -36.62 -21.41
N LYS B 104 -1.61 -35.44 -22.03
CA LYS B 104 -2.35 -35.13 -23.23
C LYS B 104 -1.65 -35.71 -24.46
N ASP B 105 -0.38 -36.09 -24.28
CA ASP B 105 0.50 -36.47 -25.37
C ASP B 105 0.33 -35.49 -26.55
N SER B 106 0.42 -34.20 -26.24
CA SER B 106 0.19 -33.13 -27.19
C SER B 106 0.99 -31.89 -26.76
N GLU B 107 1.46 -31.18 -27.80
CA GLU B 107 2.25 -29.98 -27.60
C GLU B 107 1.31 -28.78 -27.56
N ASP B 108 0.02 -29.04 -27.86
CA ASP B 108 -0.97 -28.01 -27.96
C ASP B 108 -2.10 -28.23 -26.95
N VAL B 109 -1.84 -27.81 -25.72
CA VAL B 109 -2.82 -27.93 -24.66
C VAL B 109 -3.16 -26.52 -24.19
N PRO B 110 -4.44 -26.09 -24.22
CA PRO B 110 -4.83 -24.80 -23.64
C PRO B 110 -4.36 -24.72 -22.20
N MET B 111 -3.71 -23.60 -21.89
CA MET B 111 -3.05 -23.45 -20.61
C MET B 111 -2.90 -21.96 -20.31
N VAL B 112 -2.96 -21.59 -19.04
CA VAL B 112 -2.72 -20.22 -18.62
C VAL B 112 -1.73 -20.26 -17.45
N LEU B 113 -0.68 -19.42 -17.51
CA LEU B 113 0.22 -19.26 -16.38
C LEU B 113 -0.38 -18.22 -15.44
N VAL B 114 -0.52 -18.59 -14.16
CA VAL B 114 -1.18 -17.75 -13.19
C VAL B 114 -0.22 -17.45 -12.04
N GLY B 115 0.08 -16.17 -11.85
CA GLY B 115 0.83 -15.74 -10.69
C GLY B 115 -0.08 -15.26 -9.56
N ASN B 116 -0.29 -16.11 -8.55
CA ASN B 116 -1.25 -15.83 -7.50
C ASN B 116 -0.60 -15.12 -6.31
N LYS B 117 -1.44 -14.54 -5.45
CA LYS B 117 -1.06 -13.88 -4.21
C LYS B 117 -0.46 -12.53 -4.52
N CYS B 118 -1.03 -11.86 -5.53
CA CYS B 118 -0.47 -10.59 -6.00
C CYS B 118 -0.70 -9.48 -4.99
N ASP B 119 -1.45 -9.78 -3.92
CA ASP B 119 -1.77 -8.81 -2.88
C ASP B 119 -0.64 -8.74 -1.86
N LEU B 120 0.29 -9.71 -1.92
CA LEU B 120 1.39 -9.79 -0.99
C LEU B 120 2.48 -8.78 -1.35
N PRO B 121 3.05 -8.12 -0.32
CA PRO B 121 4.20 -7.22 -0.52
C PRO B 121 5.53 -7.94 -0.72
N SER B 122 5.59 -9.25 -0.41
CA SER B 122 6.86 -9.96 -0.40
C SER B 122 7.17 -10.64 -1.75
N ARG B 123 7.08 -9.88 -2.85
CA ARG B 123 7.19 -10.49 -4.17
C ARG B 123 8.63 -10.86 -4.48
N THR B 124 8.82 -12.12 -4.91
CA THR B 124 10.16 -12.60 -5.23
C THR B 124 10.23 -13.03 -6.70
N VAL B 125 9.06 -13.21 -7.34
CA VAL B 125 9.02 -13.54 -8.75
C VAL B 125 8.56 -12.31 -9.52
N ASP B 126 9.47 -11.67 -10.24
CA ASP B 126 9.05 -10.46 -10.92
C ASP B 126 8.19 -10.82 -12.13
N THR B 127 7.35 -9.86 -12.49
CA THR B 127 6.35 -10.06 -13.51
C THR B 127 7.03 -10.39 -14.82
N LYS B 128 8.15 -9.73 -15.11
CA LYS B 128 8.81 -9.94 -16.40
C LYS B 128 9.32 -11.38 -16.53
N GLN B 129 9.76 -11.98 -15.41
CA GLN B 129 10.20 -13.38 -15.47
C GLN B 129 9.04 -14.25 -15.91
N ALA B 130 7.89 -14.00 -15.28
CA ALA B 130 6.68 -14.77 -15.51
C ALA B 130 6.19 -14.53 -16.94
N GLN B 131 6.27 -13.28 -17.40
CA GLN B 131 5.85 -12.94 -18.75
C GLN B 131 6.76 -13.64 -19.76
N ASP B 132 8.07 -13.68 -19.49
CA ASP B 132 9.02 -14.32 -20.39
C ASP B 132 8.71 -15.81 -20.50
N LEU B 133 8.37 -16.43 -19.35
CA LEU B 133 8.10 -17.85 -19.34
C LEU B 133 6.83 -18.13 -20.15
N ALA B 134 5.78 -17.35 -19.90
CA ALA B 134 4.51 -17.50 -20.60
C ALA B 134 4.72 -17.29 -22.09
N ARG B 135 5.54 -16.29 -22.42
CA ARG B 135 5.81 -15.98 -23.80
C ARG B 135 6.52 -17.15 -24.48
N SER B 136 7.49 -17.76 -23.79
CA SER B 136 8.22 -18.86 -24.37
C SER B 136 7.26 -20.02 -24.67
N TYR B 137 6.22 -20.14 -23.84
CA TYR B 137 5.22 -21.20 -23.97
C TYR B 137 4.11 -20.79 -24.93
N GLY B 138 4.00 -19.48 -25.21
CA GLY B 138 2.97 -18.93 -26.07
C GLY B 138 1.59 -19.04 -25.43
N ILE B 139 1.53 -18.79 -24.13
CA ILE B 139 0.27 -18.86 -23.40
C ILE B 139 0.10 -17.55 -22.66
N PRO B 140 -1.16 -17.21 -22.28
CA PRO B 140 -1.44 -16.03 -21.47
C PRO B 140 -0.80 -16.14 -20.10
N PHE B 141 -0.39 -14.99 -19.56
CA PHE B 141 0.03 -14.89 -18.17
C PHE B 141 -0.87 -13.88 -17.47
N ILE B 142 -1.47 -14.29 -16.36
CA ILE B 142 -2.41 -13.45 -15.64
C ILE B 142 -1.98 -13.40 -14.17
N GLU B 143 -2.02 -12.20 -13.59
CA GLU B 143 -1.70 -12.07 -12.17
C GLU B 143 -3.01 -12.08 -11.39
N THR B 144 -3.04 -12.87 -10.31
CA THR B 144 -4.25 -13.02 -9.54
C THR B 144 -3.99 -12.81 -8.06
N SER B 145 -5.06 -12.38 -7.38
CA SER B 145 -5.12 -12.42 -5.94
C SER B 145 -6.44 -13.08 -5.55
N ALA B 146 -6.33 -14.26 -4.95
CA ALA B 146 -7.51 -14.92 -4.41
C ALA B 146 -8.09 -14.13 -3.25
N LYS B 147 -7.28 -13.27 -2.62
CA LYS B 147 -7.77 -12.54 -1.46
C LYS B 147 -8.68 -11.38 -1.86
N THR B 148 -8.25 -10.65 -2.92
CA THR B 148 -8.93 -9.43 -3.34
C THR B 148 -9.69 -9.66 -4.64
N ARG B 149 -9.68 -10.91 -5.12
CA ARG B 149 -10.45 -11.32 -6.30
C ARG B 149 -9.88 -10.75 -7.59
N GLN B 150 -8.79 -9.96 -7.48
CA GLN B 150 -8.06 -9.46 -8.64
C GLN B 150 -7.74 -10.61 -9.60
N GLY B 151 -8.19 -10.41 -10.85
CA GLY B 151 -7.81 -11.25 -11.97
C GLY B 151 -8.39 -12.66 -11.88
N VAL B 152 -9.33 -12.88 -10.95
CA VAL B 152 -9.82 -14.24 -10.71
C VAL B 152 -10.72 -14.70 -11.86
N ASP B 153 -11.75 -13.91 -12.16
CA ASP B 153 -12.61 -14.23 -13.28
C ASP B 153 -11.78 -14.33 -14.55
N ASP B 154 -10.84 -13.39 -14.65
CA ASP B 154 -9.91 -13.27 -15.78
C ASP B 154 -9.15 -14.57 -16.02
N ALA B 155 -8.53 -15.12 -14.95
CA ALA B 155 -7.72 -16.32 -15.11
C ALA B 155 -8.53 -17.45 -15.72
N PHE B 156 -9.73 -17.70 -15.14
CA PHE B 156 -10.55 -18.83 -15.54
C PHE B 156 -11.15 -18.60 -16.93
N TYR B 157 -11.62 -17.37 -17.15
CA TYR B 157 -12.30 -17.05 -18.40
C TYR B 157 -11.32 -17.13 -19.56
N THR B 158 -10.07 -16.68 -19.32
CA THR B 158 -9.01 -16.69 -20.30
C THR B 158 -8.68 -18.13 -20.74
N LEU B 159 -8.71 -19.05 -19.75
CA LEU B 159 -8.46 -20.44 -20.06
C LEU B 159 -9.56 -20.97 -20.98
N VAL B 160 -10.82 -20.56 -20.70
CA VAL B 160 -11.96 -20.96 -21.51
C VAL B 160 -11.76 -20.45 -22.94
N ARG B 161 -11.34 -19.19 -23.06
CA ARG B 161 -11.09 -18.61 -24.37
C ARG B 161 -10.01 -19.39 -25.11
N GLU B 162 -8.99 -19.86 -24.37
CA GLU B 162 -7.90 -20.66 -24.94
C GLU B 162 -8.45 -21.99 -25.48
N ILE B 163 -9.34 -22.61 -24.70
CA ILE B 163 -9.99 -23.86 -25.06
C ILE B 163 -10.86 -23.64 -26.29
N ARG B 164 -11.62 -22.55 -26.30
CA ARG B 164 -12.54 -22.25 -27.39
C ARG B 164 -11.78 -22.20 -28.70
N LYS B 165 -10.62 -21.51 -28.69
CA LYS B 165 -9.77 -21.39 -29.87
C LYS B 165 -9.36 -22.78 -30.35
N HIS B 166 -8.88 -23.57 -29.38
CA HIS B 166 -8.32 -24.88 -29.63
C HIS B 166 -9.35 -25.79 -30.30
N LYS B 167 -10.58 -25.78 -29.76
CA LYS B 167 -11.62 -26.68 -30.23
C LYS B 167 -12.05 -26.30 -31.65
N GLU B 168 -12.04 -24.98 -31.92
CA GLU B 168 -12.69 -24.41 -33.08
C GLU B 168 -11.61 -23.98 -34.05
N MET C 1 16.36 3.26 35.03
CA MET C 1 16.91 2.98 33.67
C MET C 1 15.87 2.26 32.82
N THR C 2 15.45 2.95 31.76
CA THR C 2 14.42 2.46 30.86
C THR C 2 14.83 1.10 30.30
N GLU C 3 13.89 0.17 30.34
CA GLU C 3 14.11 -1.09 29.65
C GLU C 3 13.34 -1.09 28.34
N TYR C 4 14.00 -1.61 27.32
CA TYR C 4 13.37 -1.86 26.05
C TYR C 4 13.29 -3.37 25.83
N LYS C 5 12.11 -3.86 25.54
CA LYS C 5 11.95 -5.26 25.23
C LYS C 5 11.94 -5.47 23.74
N LEU C 6 13.00 -6.10 23.23
CA LEU C 6 13.16 -6.35 21.81
C LEU C 6 12.98 -7.85 21.57
N VAL C 7 12.33 -8.19 20.45
CA VAL C 7 12.09 -9.57 20.09
C VAL C 7 12.64 -9.81 18.68
N VAL C 8 13.52 -10.82 18.55
CA VAL C 8 14.15 -11.13 17.29
C VAL C 8 13.43 -12.33 16.68
N VAL C 9 12.80 -12.14 15.52
CA VAL C 9 12.04 -13.19 14.86
C VAL C 9 12.60 -13.41 13.45
N GLY C 10 12.26 -14.56 12.86
CA GLY C 10 12.69 -14.87 11.50
C GLY C 10 12.89 -16.36 11.29
N ALA C 11 12.99 -16.77 10.02
CA ALA C 11 13.18 -18.16 9.62
C ALA C 11 14.41 -18.75 10.30
N VAL C 12 14.35 -20.06 10.52
CA VAL C 12 15.44 -20.69 11.24
C VAL C 12 16.72 -20.57 10.41
N GLY C 13 17.85 -20.28 11.08
CA GLY C 13 19.16 -20.25 10.45
C GLY C 13 19.52 -18.90 9.83
N VAL C 14 18.66 -17.87 9.97
CA VAL C 14 18.93 -16.57 9.35
C VAL C 14 19.93 -15.79 10.20
N GLY C 15 20.05 -16.15 11.48
CA GLY C 15 21.11 -15.60 12.29
C GLY C 15 20.56 -14.76 13.44
N LYS C 16 19.35 -15.11 13.93
CA LYS C 16 18.77 -14.39 15.05
C LYS C 16 19.67 -14.52 16.27
N SER C 17 20.12 -15.75 16.54
CA SER C 17 21.01 -16.08 17.66
C SER C 17 22.39 -15.45 17.48
N ALA C 18 22.96 -15.57 16.26
CA ALA C 18 24.29 -15.03 15.98
C ALA C 18 24.31 -13.52 16.14
N LEU C 19 23.22 -12.85 15.69
CA LEU C 19 23.09 -11.40 15.81
C LEU C 19 23.00 -10.99 17.27
N THR C 20 22.17 -11.70 18.04
CA THR C 20 21.92 -11.32 19.42
C THR C 20 23.18 -11.53 20.24
N ILE C 21 23.87 -12.65 20.00
CA ILE C 21 25.10 -12.94 20.71
C ILE C 21 26.17 -11.91 20.34
N GLN C 22 26.22 -11.56 19.05
CA GLN C 22 27.15 -10.52 18.62
C GLN C 22 26.92 -9.25 19.41
N LEU C 23 25.67 -8.81 19.49
CA LEU C 23 25.35 -7.56 20.18
C LEU C 23 25.77 -7.66 21.65
N ILE C 24 25.41 -8.77 22.29
CA ILE C 24 25.52 -8.94 23.74
C ILE C 24 26.97 -9.26 24.13
N GLN C 25 27.61 -10.16 23.36
CA GLN C 25 28.83 -10.80 23.84
C GLN C 25 30.01 -10.50 22.92
N ASN C 26 29.73 -9.81 21.80
CA ASN C 26 30.78 -9.29 20.92
C ASN C 26 31.59 -10.43 20.32
N HIS C 27 30.91 -11.54 20.01
CA HIS C 27 31.56 -12.57 19.23
C HIS C 27 30.55 -13.27 18.33
N PHE C 28 31.09 -13.90 17.28
CA PHE C 28 30.27 -14.56 16.29
C PHE C 28 30.26 -16.06 16.56
N VAL C 29 29.05 -16.60 16.70
CA VAL C 29 28.84 -17.99 17.09
C VAL C 29 28.61 -18.80 15.83
N ASP C 30 29.44 -19.85 15.69
CA ASP C 30 29.40 -20.78 14.59
C ASP C 30 28.16 -21.66 14.73
N GLU C 31 27.84 -22.01 15.97
CA GLU C 31 26.89 -23.05 16.27
C GLU C 31 26.10 -22.63 17.49
N TYR C 32 24.85 -22.27 17.25
CA TYR C 32 23.95 -22.03 18.37
C TYR C 32 22.67 -22.80 18.10
N ASP C 33 22.41 -23.75 19.01
CA ASP C 33 21.32 -24.69 18.91
C ASP C 33 20.08 -23.98 18.38
N PRO C 34 19.58 -24.42 17.21
CA PRO C 34 18.43 -23.81 16.55
C PRO C 34 17.16 -23.77 17.39
N THR C 35 17.08 -24.60 18.43
CA THR C 35 15.83 -24.72 19.18
C THR C 35 15.89 -23.85 20.43
N ILE C 36 17.07 -23.37 20.78
CA ILE C 36 17.23 -22.73 22.08
C ILE C 36 16.74 -21.30 21.98
N GLU C 37 15.72 -21.04 22.79
CA GLU C 37 15.19 -19.72 22.95
C GLU C 37 15.63 -19.20 24.30
N ASP C 38 16.09 -17.95 24.32
CA ASP C 38 16.60 -17.41 25.55
C ASP C 38 16.37 -15.90 25.54
N SER C 39 16.56 -15.27 26.70
CA SER C 39 16.53 -13.81 26.74
C SER C 39 17.87 -13.29 27.23
N TYR C 40 18.21 -12.09 26.78
CA TYR C 40 19.50 -11.49 27.10
C TYR C 40 19.29 -10.02 27.43
N ARG C 41 20.09 -9.52 28.37
CA ARG C 41 20.07 -8.10 28.69
C ARG C 41 21.45 -7.49 28.44
N LYS C 42 21.44 -6.21 28.08
CA LYS C 42 22.65 -5.44 27.86
C LYS C 42 22.36 -3.98 28.17
N GLN C 43 23.29 -3.33 28.87
CA GLN C 43 23.21 -1.89 29.07
C GLN C 43 23.93 -1.20 27.92
N VAL C 44 23.22 -0.27 27.28
CA VAL C 44 23.79 0.47 26.18
C VAL C 44 23.48 1.95 26.35
N VAL C 45 24.30 2.79 25.71
CA VAL C 45 23.97 4.19 25.58
C VAL C 45 23.53 4.44 24.15
N ILE C 46 22.28 4.90 23.99
CA ILE C 46 21.73 5.20 22.68
C ILE C 46 21.32 6.66 22.66
N ASP C 47 21.98 7.48 21.84
CA ASP C 47 21.66 8.91 21.76
C ASP C 47 21.75 9.52 23.16
N GLY C 48 22.82 9.16 23.87
CA GLY C 48 23.09 9.74 25.18
C GLY C 48 22.17 9.20 26.26
N GLU C 49 21.25 8.32 25.88
CA GLU C 49 20.36 7.77 26.86
C GLU C 49 20.87 6.37 27.22
N THR C 50 21.12 6.16 28.51
CA THR C 50 21.46 4.84 28.98
C THR C 50 20.16 4.06 29.13
N CYS C 51 20.16 2.87 28.54
CA CYS C 51 18.97 2.04 28.62
C CYS C 51 19.38 0.58 28.73
N LEU C 52 18.46 -0.23 29.25
CA LEU C 52 18.63 -1.66 29.26
C LEU C 52 17.88 -2.24 28.08
N LEU C 53 18.61 -3.01 27.27
CA LEU C 53 17.97 -3.80 26.24
C LEU C 53 17.68 -5.18 26.80
N ASP C 54 16.44 -5.62 26.61
CA ASP C 54 15.97 -6.92 27.04
C ASP C 54 15.49 -7.66 25.79
N ILE C 55 16.30 -8.61 25.33
CA ILE C 55 16.14 -9.17 24.00
C ILE C 55 15.70 -10.62 24.11
N LEU C 56 14.59 -10.94 23.44
CA LEU C 56 14.19 -12.33 23.27
C LEU C 56 14.72 -12.84 21.93
N ASP C 57 15.58 -13.87 22.02
CA ASP C 57 16.06 -14.55 20.85
C ASP C 57 15.17 -15.77 20.59
N THR C 58 14.21 -15.61 19.66
CA THR C 58 13.22 -16.64 19.41
C THR C 58 13.83 -17.81 18.65
N ALA C 59 13.26 -18.99 18.89
CA ALA C 59 13.80 -20.15 18.21
C ALA C 59 12.70 -21.02 17.66
N GLY C 60 11.45 -20.66 17.99
CA GLY C 60 10.27 -21.30 17.47
C GLY C 60 10.32 -22.81 17.63
N GLN C 61 10.79 -23.29 18.78
CA GLN C 61 10.63 -24.70 18.96
C GLN C 61 9.19 -24.95 19.34
N GLU C 62 8.79 -26.21 19.27
CA GLU C 62 7.46 -26.57 19.76
C GLU C 62 7.52 -26.92 21.24
N GLU C 63 8.35 -26.19 22.02
CA GLU C 63 8.15 -26.15 23.46
C GLU C 63 8.10 -24.73 24.01
N TYR C 64 7.00 -24.46 24.69
CA TYR C 64 6.52 -23.13 24.87
C TYR C 64 6.94 -22.63 26.24
N SER C 65 7.76 -21.59 26.25
CA SER C 65 8.22 -21.05 27.50
C SER C 65 7.40 -19.81 27.86
N ALA C 66 7.04 -19.70 29.14
CA ALA C 66 6.21 -18.60 29.62
C ALA C 66 6.89 -17.27 29.35
N MET C 67 8.23 -17.29 29.35
CA MET C 67 9.02 -16.10 29.07
C MET C 67 8.74 -15.60 27.65
N ARG C 68 8.71 -16.52 26.67
CA ARG C 68 8.51 -16.17 25.26
C ARG C 68 7.10 -15.62 25.04
N ASP C 69 6.13 -16.18 25.74
CA ASP C 69 4.76 -15.70 25.60
C ASP C 69 4.67 -14.27 26.09
N GLN C 70 5.28 -14.05 27.26
CA GLN C 70 5.31 -12.76 27.88
C GLN C 70 5.99 -11.80 26.92
N TYR C 71 7.03 -12.30 26.26
CA TYR C 71 7.79 -11.46 25.36
C TYR C 71 7.01 -11.08 24.12
N MET C 72 6.13 -11.93 23.61
CA MET C 72 5.48 -11.55 22.37
C MET C 72 4.51 -10.42 22.69
N ARG C 73 3.78 -10.66 23.79
CA ARG C 73 2.82 -9.79 24.43
C ARG C 73 3.47 -8.44 24.78
N THR C 74 4.54 -8.51 25.60
CA THR C 74 5.13 -7.32 26.20
C THR C 74 6.38 -6.89 25.42
N GLY C 75 6.64 -7.53 24.28
CA GLY C 75 7.69 -7.11 23.36
C GLY C 75 7.33 -5.78 22.73
N GLU C 76 8.25 -4.82 22.80
CA GLU C 76 7.94 -3.45 22.41
C GLU C 76 8.32 -3.24 20.96
N GLY C 77 9.36 -3.95 20.52
CA GLY C 77 9.84 -3.85 19.15
C GLY C 77 10.34 -5.19 18.63
N PHE C 78 10.25 -5.37 17.29
CA PHE C 78 10.58 -6.64 16.67
C PHE C 78 11.59 -6.43 15.55
N LEU C 79 12.71 -7.17 15.64
CA LEU C 79 13.60 -7.31 14.50
C LEU C 79 13.07 -8.46 13.65
N CYS C 80 12.66 -8.13 12.42
CA CYS C 80 12.28 -9.16 11.47
C CYS C 80 13.48 -9.45 10.59
N VAL C 81 14.10 -10.62 10.80
CA VAL C 81 15.38 -10.94 10.20
C VAL C 81 15.18 -11.94 9.05
N PHE C 82 15.85 -11.64 7.92
CA PHE C 82 16.07 -12.62 6.87
C PHE C 82 17.57 -12.67 6.56
N ALA C 83 17.98 -13.67 5.78
CA ALA C 83 19.34 -13.71 5.25
C ALA C 83 19.33 -13.28 3.77
N ILE C 84 20.31 -12.46 3.37
CA ILE C 84 20.34 -11.89 2.03
C ILE C 84 20.68 -12.94 0.99
N ASN C 85 21.08 -14.14 1.43
CA ASN C 85 21.39 -15.23 0.52
C ASN C 85 20.33 -16.33 0.66
N ASN C 86 19.17 -15.99 1.25
CA ASN C 86 18.12 -16.96 1.48
C ASN C 86 16.78 -16.36 1.10
N THR C 87 16.31 -16.65 -0.11
CA THR C 87 15.09 -16.05 -0.65
C THR C 87 13.86 -16.46 0.17
N LYS C 88 13.81 -17.73 0.60
CA LYS C 88 12.66 -18.19 1.36
C LYS C 88 12.48 -17.38 2.64
N SER C 89 13.62 -17.06 3.28
CA SER C 89 13.59 -16.38 4.57
C SER C 89 13.01 -14.97 4.36
N PHE C 90 13.27 -14.42 3.17
CA PHE C 90 12.74 -13.11 2.80
C PHE C 90 11.24 -13.21 2.55
N GLU C 91 10.80 -14.30 1.91
CA GLU C 91 9.38 -14.50 1.61
C GLU C 91 8.58 -14.61 2.91
N ASP C 92 9.22 -15.24 3.91
CA ASP C 92 8.61 -15.52 5.19
C ASP C 92 8.34 -14.26 6.00
N ILE C 93 9.03 -13.15 5.70
CA ILE C 93 9.00 -11.96 6.54
C ILE C 93 7.56 -11.50 6.72
N HIS C 94 6.83 -11.57 5.62
CA HIS C 94 5.48 -11.07 5.60
C HIS C 94 4.65 -11.76 6.67
N HIS C 95 4.85 -13.08 6.75
CA HIS C 95 4.24 -13.95 7.73
C HIS C 95 4.54 -13.49 9.15
N TYR C 96 5.81 -13.16 9.41
CA TYR C 96 6.23 -12.74 10.74
C TYR C 96 5.59 -11.41 11.10
N ARG C 97 5.57 -10.47 10.13
CA ARG C 97 4.96 -9.17 10.34
C ARG C 97 3.48 -9.34 10.71
N GLU C 98 2.79 -10.21 9.97
CA GLU C 98 1.38 -10.49 10.20
C GLU C 98 1.13 -10.96 11.61
N GLN C 99 1.99 -11.89 12.02
CA GLN C 99 1.87 -12.53 13.31
C GLN C 99 2.02 -11.47 14.41
N ILE C 100 2.99 -10.58 14.23
CA ILE C 100 3.31 -9.58 15.24
C ILE C 100 2.15 -8.61 15.36
N LYS C 101 1.59 -8.22 14.22
CA LYS C 101 0.46 -7.29 14.21
C LYS C 101 -0.72 -7.92 14.94
N ARG C 102 -0.90 -9.23 14.78
CA ARG C 102 -1.98 -9.94 15.45
C ARG C 102 -1.76 -10.04 16.96
N VAL C 103 -0.54 -10.40 17.39
CA VAL C 103 -0.17 -10.52 18.80
C VAL C 103 -0.39 -9.19 19.52
N LYS C 104 0.07 -8.12 18.84
CA LYS C 104 -0.01 -6.78 19.38
C LYS C 104 -1.38 -6.18 19.12
N ASP C 105 -2.14 -6.82 18.23
CA ASP C 105 -3.43 -6.32 17.75
C ASP C 105 -3.31 -4.83 17.40
N SER C 106 -2.31 -4.51 16.57
CA SER C 106 -1.95 -3.14 16.24
C SER C 106 -1.23 -3.10 14.89
N GLU C 107 -1.53 -2.03 14.16
CA GLU C 107 -0.97 -1.81 12.83
C GLU C 107 0.32 -1.01 12.97
N ASP C 108 0.55 -0.51 14.19
CA ASP C 108 1.69 0.33 14.50
C ASP C 108 2.50 -0.34 15.60
N VAL C 109 3.31 -1.30 15.17
CA VAL C 109 4.26 -1.94 16.08
C VAL C 109 5.66 -1.54 15.63
N PRO C 110 6.49 -0.92 16.52
CA PRO C 110 7.89 -0.66 16.18
C PRO C 110 8.57 -1.93 15.69
N MET C 111 9.21 -1.82 14.53
CA MET C 111 9.74 -2.98 13.85
C MET C 111 10.86 -2.52 12.91
N VAL C 112 11.86 -3.37 12.72
CA VAL C 112 12.93 -3.10 11.78
C VAL C 112 13.11 -4.35 10.92
N LEU C 113 13.19 -4.16 9.59
CA LEU C 113 13.53 -5.24 8.69
C LEU C 113 15.05 -5.36 8.64
N VAL C 114 15.57 -6.56 8.89
CA VAL C 114 17.01 -6.78 8.96
C VAL C 114 17.40 -7.82 7.94
N GLY C 115 18.29 -7.41 7.01
CA GLY C 115 18.90 -8.33 6.07
C GLY C 115 20.27 -8.75 6.58
N ASN C 116 20.35 -9.96 7.14
CA ASN C 116 21.58 -10.44 7.74
C ASN C 116 22.47 -11.18 6.73
N LYS C 117 23.74 -11.39 7.09
CA LYS C 117 24.70 -12.14 6.29
C LYS C 117 25.17 -11.29 5.11
N CYS C 118 25.29 -9.99 5.33
CA CYS C 118 25.66 -9.07 4.28
C CYS C 118 27.12 -9.24 3.85
N ASP C 119 27.85 -10.10 4.57
CA ASP C 119 29.27 -10.33 4.30
C ASP C 119 29.42 -11.31 3.14
N LEU C 120 28.36 -12.10 2.90
CA LEU C 120 28.40 -13.17 1.93
C LEU C 120 28.36 -12.63 0.50
N PRO C 121 29.15 -13.24 -0.40
CA PRO C 121 29.08 -12.93 -1.83
C PRO C 121 27.87 -13.51 -2.56
N SER C 122 27.17 -14.47 -1.93
CA SER C 122 26.09 -15.19 -2.61
C SER C 122 24.70 -14.55 -2.43
N ARG C 123 24.59 -13.24 -2.66
CA ARG C 123 23.35 -12.54 -2.43
C ARG C 123 22.27 -12.93 -3.44
N THR C 124 21.06 -13.22 -2.93
CA THR C 124 19.94 -13.58 -3.80
C THR C 124 18.80 -12.59 -3.63
N VAL C 125 18.80 -11.85 -2.52
CA VAL C 125 17.77 -10.84 -2.26
C VAL C 125 18.42 -9.47 -2.46
N ASP C 126 18.04 -8.76 -3.52
CA ASP C 126 18.73 -7.50 -3.72
C ASP C 126 18.18 -6.46 -2.74
N THR C 127 19.02 -5.45 -2.52
CA THR C 127 18.78 -4.47 -1.50
C THR C 127 17.48 -3.74 -1.82
N LYS C 128 17.24 -3.46 -3.10
CA LYS C 128 16.09 -2.65 -3.46
C LYS C 128 14.80 -3.37 -3.08
N GLN C 129 14.79 -4.70 -3.23
CA GLN C 129 13.60 -5.48 -2.93
C GLN C 129 13.29 -5.31 -1.45
N ALA C 130 14.35 -5.44 -0.64
CA ALA C 130 14.26 -5.36 0.81
C ALA C 130 13.83 -3.95 1.23
N GLN C 131 14.43 -2.96 0.57
CA GLN C 131 14.12 -1.56 0.87
C GLN C 131 12.67 -1.30 0.52
N ASP C 132 12.21 -1.82 -0.62
CA ASP C 132 10.83 -1.61 -1.05
C ASP C 132 9.87 -2.23 -0.06
N LEU C 133 10.22 -3.41 0.46
CA LEU C 133 9.34 -4.09 1.41
C LEU C 133 9.24 -3.25 2.69
N ALA C 134 10.39 -2.81 3.20
CA ALA C 134 10.44 -1.98 4.40
C ALA C 134 9.66 -0.70 4.17
N ARG C 135 9.83 -0.12 2.98
CA ARG C 135 9.16 1.12 2.62
C ARG C 135 7.65 0.91 2.65
N SER C 136 7.20 -0.22 2.09
CA SER C 136 5.77 -0.49 2.03
C SER C 136 5.20 -0.58 3.44
N TYR C 137 6.03 -1.07 4.37
CA TYR C 137 5.64 -1.25 5.76
C TYR C 137 5.88 0.03 6.56
N GLY C 138 6.66 0.96 6.00
CA GLY C 138 7.02 2.20 6.67
C GLY C 138 7.91 1.96 7.90
N ILE C 139 8.87 1.04 7.75
CA ILE C 139 9.81 0.73 8.82
C ILE C 139 11.21 0.82 8.23
N PRO C 140 12.25 1.00 9.08
CA PRO C 140 13.63 1.00 8.60
C PRO C 140 14.03 -0.36 8.06
N PHE C 141 14.95 -0.35 7.08
CA PHE C 141 15.63 -1.57 6.67
C PHE C 141 17.13 -1.41 6.90
N ILE C 142 17.72 -2.37 7.60
CA ILE C 142 19.12 -2.30 7.97
C ILE C 142 19.81 -3.59 7.51
N GLU C 143 21.00 -3.43 6.91
CA GLU C 143 21.78 -4.57 6.51
C GLU C 143 22.79 -4.89 7.60
N THR C 144 22.86 -6.18 7.97
CA THR C 144 23.74 -6.58 9.04
C THR C 144 24.59 -7.77 8.61
N SER C 145 25.74 -7.88 9.27
CA SER C 145 26.51 -9.10 9.25
C SER C 145 26.88 -9.44 10.69
N ALA C 146 26.33 -10.55 11.19
CA ALA C 146 26.70 -11.05 12.51
C ALA C 146 28.18 -11.43 12.55
N LYS C 147 28.74 -11.75 11.38
CA LYS C 147 30.12 -12.25 11.34
C LYS C 147 31.12 -11.10 11.49
N THR C 148 30.84 -9.97 10.80
CA THR C 148 31.75 -8.84 10.74
C THR C 148 31.25 -7.68 11.59
N ARG C 149 30.10 -7.90 12.25
CA ARG C 149 29.51 -6.95 13.18
C ARG C 149 28.90 -5.74 12.47
N GLN C 150 29.01 -5.70 11.15
CA GLN C 150 28.40 -4.66 10.33
C GLN C 150 26.94 -4.47 10.74
N GLY C 151 26.62 -3.23 11.12
CA GLY C 151 25.25 -2.78 11.31
C GLY C 151 24.57 -3.43 12.52
N VAL C 152 25.34 -4.14 13.37
CA VAL C 152 24.72 -4.91 14.44
C VAL C 152 24.12 -4.00 15.51
N ASP C 153 24.95 -3.10 16.03
CA ASP C 153 24.50 -2.11 16.98
C ASP C 153 23.37 -1.32 16.33
N ASP C 154 23.56 -1.00 15.05
CA ASP C 154 22.64 -0.21 14.26
C ASP C 154 21.24 -0.85 14.26
N ALA C 155 21.15 -2.15 13.96
CA ALA C 155 19.86 -2.79 13.87
C ALA C 155 19.08 -2.64 15.17
N PHE C 156 19.74 -2.95 16.30
CA PHE C 156 19.09 -2.95 17.60
C PHE C 156 18.78 -1.52 18.04
N TYR C 157 19.73 -0.62 17.83
CA TYR C 157 19.58 0.75 18.27
C TYR C 157 18.44 1.42 17.50
N THR C 158 18.32 1.08 16.20
CA THR C 158 17.29 1.65 15.35
C THR C 158 15.90 1.24 15.82
N LEU C 159 15.81 -0.02 16.30
CA LEU C 159 14.55 -0.51 16.82
C LEU C 159 14.17 0.29 18.07
N VAL C 160 15.16 0.56 18.93
CA VAL C 160 14.97 1.35 20.14
C VAL C 160 14.45 2.73 19.75
N ARG C 161 15.07 3.33 18.75
CA ARG C 161 14.65 4.64 18.29
C ARG C 161 13.20 4.60 17.80
N GLU C 162 12.82 3.50 17.15
CA GLU C 162 11.45 3.30 16.67
C GLU C 162 10.47 3.24 17.84
N ILE C 163 10.87 2.51 18.88
CA ILE C 163 10.10 2.38 20.11
C ILE C 163 9.96 3.74 20.78
N ARG C 164 11.08 4.47 20.88
CA ARG C 164 11.10 5.77 21.55
C ARG C 164 10.07 6.67 20.92
N LYS C 165 10.05 6.71 19.57
CA LYS C 165 9.12 7.55 18.84
C LYS C 165 7.69 7.15 19.21
N HIS C 166 7.45 5.83 19.17
CA HIS C 166 6.12 5.27 19.35
C HIS C 166 5.58 5.64 20.73
N LYS C 167 6.41 5.48 21.76
CA LYS C 167 6.01 5.75 23.14
C LYS C 167 5.65 7.22 23.32
N GLU C 168 6.40 8.09 22.63
CA GLU C 168 6.39 9.53 22.82
C GLU C 168 5.61 10.21 21.68
N MET D 1 43.52 -12.18 -19.17
CA MET D 1 43.13 -10.93 -18.44
C MET D 1 43.96 -10.77 -17.18
N THR D 2 44.68 -9.66 -17.13
CA THR D 2 45.68 -9.41 -16.10
C THR D 2 45.00 -9.44 -14.74
N GLU D 3 45.62 -10.17 -13.81
CA GLU D 3 45.21 -10.05 -12.44
C GLU D 3 46.24 -9.22 -11.69
N TYR D 4 45.74 -8.29 -10.87
CA TYR D 4 46.61 -7.46 -10.05
C TYR D 4 46.40 -7.84 -8.59
N LYS D 5 47.50 -8.17 -7.90
CA LYS D 5 47.42 -8.51 -6.50
C LYS D 5 47.75 -7.29 -5.67
N LEU D 6 46.73 -6.74 -5.00
CA LEU D 6 46.90 -5.53 -4.20
C LEU D 6 46.81 -5.91 -2.74
N VAL D 7 47.64 -5.26 -1.92
CA VAL D 7 47.65 -5.50 -0.49
C VAL D 7 47.45 -4.18 0.24
N VAL D 8 46.42 -4.14 1.10
CA VAL D 8 46.07 -2.92 1.82
C VAL D 8 46.62 -3.04 3.24
N VAL D 9 47.53 -2.13 3.61
CA VAL D 9 48.18 -2.17 4.91
C VAL D 9 47.95 -0.84 5.62
N GLY D 10 48.18 -0.81 6.95
CA GLY D 10 48.01 0.40 7.72
C GLY D 10 47.50 0.12 9.13
N ALA D 11 47.62 1.14 10.00
CA ALA D 11 47.22 1.05 11.40
C ALA D 11 45.76 0.61 11.51
N VAL D 12 45.46 -0.02 12.63
CA VAL D 12 44.13 -0.51 12.87
C VAL D 12 43.16 0.68 12.84
N GLY D 13 42.02 0.46 12.19
CA GLY D 13 40.91 1.40 12.22
C GLY D 13 41.04 2.56 11.25
N VAL D 14 42.05 2.55 10.35
CA VAL D 14 42.24 3.66 9.42
C VAL D 14 41.24 3.55 8.28
N GLY D 15 40.68 2.35 8.08
CA GLY D 15 39.63 2.16 7.09
C GLY D 15 40.09 1.29 5.92
N LYS D 16 41.06 0.42 6.16
CA LYS D 16 41.51 -0.52 5.13
C LYS D 16 40.34 -1.37 4.66
N SER D 17 39.56 -1.89 5.63
CA SER D 17 38.40 -2.72 5.36
C SER D 17 37.29 -1.95 4.67
N ALA D 18 37.01 -0.74 5.18
CA ALA D 18 35.93 0.10 4.65
C ALA D 18 36.24 0.49 3.21
N LEU D 19 37.52 0.78 2.90
CA LEU D 19 37.96 1.15 1.56
C LEU D 19 37.78 -0.03 0.60
N THR D 20 38.21 -1.22 1.06
CA THR D 20 38.20 -2.39 0.20
C THR D 20 36.76 -2.79 -0.09
N ILE D 21 35.91 -2.75 0.94
CA ILE D 21 34.51 -3.10 0.77
C ILE D 21 33.81 -2.09 -0.12
N GLN D 22 34.13 -0.80 0.05
CA GLN D 22 33.60 0.21 -0.85
C GLN D 22 33.92 -0.13 -2.30
N LEU D 23 35.19 -0.45 -2.56
CA LEU D 23 35.60 -0.74 -3.91
C LEU D 23 34.83 -1.94 -4.48
N ILE D 24 34.77 -2.99 -3.66
CA ILE D 24 34.29 -4.31 -4.07
C ILE D 24 32.76 -4.36 -4.08
N GLN D 25 32.13 -3.77 -3.06
CA GLN D 25 30.71 -4.00 -2.83
C GLN D 25 29.90 -2.72 -2.97
N ASN D 26 30.59 -1.59 -3.15
CA ASN D 26 29.95 -0.31 -3.44
C ASN D 26 29.05 0.13 -2.30
N HIS D 27 29.46 -0.15 -1.06
CA HIS D 27 28.79 0.44 0.08
C HIS D 27 29.77 0.60 1.23
N PHE D 28 29.34 1.39 2.20
CA PHE D 28 30.18 1.75 3.33
C PHE D 28 29.75 0.97 4.57
N VAL D 29 30.72 0.27 5.16
CA VAL D 29 30.47 -0.66 6.24
C VAL D 29 30.78 0.07 7.52
N ASP D 30 29.77 0.13 8.37
CA ASP D 30 29.82 0.78 9.67
C ASP D 30 30.77 0.01 10.59
N GLU D 31 30.70 -1.31 10.50
CA GLU D 31 31.36 -2.15 11.45
C GLU D 31 32.00 -3.31 10.71
N TYR D 32 33.32 -3.23 10.62
CA TYR D 32 34.04 -4.37 10.10
C TYR D 32 35.11 -4.80 11.09
N ASP D 33 34.92 -6.04 11.58
CA ASP D 33 35.75 -6.64 12.61
C ASP D 33 37.21 -6.31 12.33
N PRO D 34 37.87 -5.59 13.26
CA PRO D 34 39.25 -5.13 13.08
C PRO D 34 40.25 -6.25 12.84
N THR D 35 39.90 -7.49 13.23
CA THR D 35 40.87 -8.58 13.19
C THR D 35 40.72 -9.40 11.92
N ILE D 36 39.61 -9.18 11.20
CA ILE D 36 39.30 -10.07 10.10
C ILE D 36 40.13 -9.64 8.90
N GLU D 37 40.94 -10.59 8.48
CA GLU D 37 41.67 -10.48 7.24
C GLU D 37 40.95 -11.29 6.18
N ASP D 38 40.77 -10.68 5.01
CA ASP D 38 40.07 -11.38 3.96
C ASP D 38 40.62 -10.95 2.61
N SER D 39 40.33 -11.73 1.57
CA SER D 39 40.69 -11.32 0.23
C SER D 39 39.45 -11.14 -0.62
N TYR D 40 39.54 -10.23 -1.59
CA TYR D 40 38.41 -9.88 -2.42
C TYR D 40 38.86 -9.78 -3.87
N ARG D 41 38.00 -10.24 -4.78
CA ARG D 41 38.25 -10.07 -6.20
C ARG D 41 37.12 -9.28 -6.83
N LYS D 42 37.49 -8.52 -7.86
CA LYS D 42 36.55 -7.76 -8.64
C LYS D 42 37.10 -7.57 -10.05
N GLN D 43 36.24 -7.74 -11.05
CA GLN D 43 36.64 -7.41 -12.39
C GLN D 43 36.29 -5.94 -12.66
N VAL D 44 37.29 -5.19 -13.09
CA VAL D 44 37.13 -3.76 -13.31
C VAL D 44 37.70 -3.41 -14.68
N VAL D 45 37.24 -2.27 -15.20
CA VAL D 45 37.85 -1.70 -16.37
C VAL D 45 38.61 -0.45 -15.93
N ILE D 46 39.92 -0.47 -16.17
CA ILE D 46 40.79 0.64 -15.84
C ILE D 46 41.43 1.13 -17.13
N ASP D 47 41.05 2.33 -17.56
CA ASP D 47 41.57 2.93 -18.77
C ASP D 47 41.40 1.96 -19.94
N GLY D 48 40.19 1.42 -20.05
CA GLY D 48 39.83 0.57 -21.17
C GLY D 48 40.42 -0.83 -21.06
N GLU D 49 41.20 -1.06 -20.00
CA GLU D 49 41.74 -2.39 -19.83
C GLU D 49 40.91 -3.11 -18.78
N THR D 50 40.32 -4.24 -19.17
CA THR D 50 39.65 -5.08 -18.21
C THR D 50 40.71 -5.86 -17.44
N CYS D 51 40.60 -5.80 -16.12
CA CYS D 51 41.56 -6.48 -15.28
C CYS D 51 40.85 -7.09 -14.08
N LEU D 52 41.46 -8.11 -13.50
CA LEU D 52 40.96 -8.67 -12.24
C LEU D 52 41.77 -8.07 -11.10
N LEU D 53 41.06 -7.50 -10.13
CA LEU D 53 41.72 -7.05 -8.91
C LEU D 53 41.59 -8.15 -7.87
N ASP D 54 42.72 -8.48 -7.25
CA ASP D 54 42.79 -9.46 -6.18
C ASP D 54 43.40 -8.79 -4.96
N ILE D 55 42.55 -8.46 -3.98
CA ILE D 55 42.93 -7.54 -2.93
C ILE D 55 42.97 -8.26 -1.58
N LEU D 56 44.11 -8.16 -0.90
CA LEU D 56 44.18 -8.61 0.49
C LEU D 56 43.95 -7.42 1.41
N ASP D 57 42.90 -7.54 2.23
CA ASP D 57 42.60 -6.58 3.28
C ASP D 57 43.23 -7.08 4.59
N THR D 58 44.41 -6.54 4.92
CA THR D 58 45.18 -7.00 6.07
C THR D 58 44.53 -6.50 7.35
N ALA D 59 44.70 -7.26 8.42
CA ALA D 59 44.03 -6.85 9.63
C ALA D 59 45.03 -6.83 10.76
N GLY D 60 46.29 -6.87 10.38
CA GLY D 60 47.40 -7.04 11.30
C GLY D 60 47.16 -8.22 12.23
N GLN D 61 46.82 -9.36 11.65
CA GLN D 61 46.92 -10.51 12.54
C GLN D 61 48.39 -10.87 12.56
N GLU D 62 48.95 -11.19 13.73
CA GLU D 62 50.24 -11.87 13.67
C GLU D 62 50.00 -13.25 13.07
N GLU D 63 48.96 -13.92 13.57
CA GLU D 63 48.68 -15.34 13.42
C GLU D 63 48.53 -15.78 11.96
N TYR D 64 49.25 -16.84 11.68
CA TYR D 64 49.76 -17.19 10.38
C TYR D 64 48.65 -17.63 9.44
N SER D 65 48.40 -16.84 8.40
CA SER D 65 47.61 -17.44 7.34
C SER D 65 48.52 -17.66 6.15
N ALA D 66 48.44 -18.85 5.53
CA ALA D 66 49.30 -19.19 4.41
C ALA D 66 49.07 -18.19 3.28
N MET D 67 47.81 -17.74 3.17
CA MET D 67 47.39 -16.80 2.16
C MET D 67 48.14 -15.49 2.35
N ARG D 68 48.24 -15.00 3.60
CA ARG D 68 48.82 -13.70 3.91
C ARG D 68 50.31 -13.70 3.62
N ASP D 69 50.98 -14.81 3.94
CA ASP D 69 52.41 -14.91 3.70
C ASP D 69 52.67 -14.77 2.21
N GLN D 70 51.88 -15.55 1.48
CA GLN D 70 52.00 -15.64 0.04
C GLN D 70 51.72 -14.28 -0.52
N TYR D 71 50.75 -13.58 0.09
CA TYR D 71 50.35 -12.27 -0.38
C TYR D 71 51.43 -11.23 -0.18
N MET D 72 52.21 -11.32 0.90
CA MET D 72 53.15 -10.25 1.10
C MET D 72 54.24 -10.39 0.04
N ARG D 73 54.66 -11.65 -0.13
CA ARG D 73 55.59 -12.14 -1.12
C ARG D 73 55.13 -11.79 -2.54
N THR D 74 53.93 -12.23 -2.90
CA THR D 74 53.42 -12.16 -4.26
C THR D 74 52.49 -10.97 -4.45
N GLY D 75 52.33 -10.13 -3.41
CA GLY D 75 51.58 -8.88 -3.55
C GLY D 75 52.34 -7.91 -4.45
N GLU D 76 51.64 -7.38 -5.44
CA GLU D 76 52.30 -6.65 -6.51
C GLU D 76 52.34 -5.17 -6.18
N GLY D 77 51.30 -4.71 -5.48
CA GLY D 77 51.22 -3.32 -5.07
C GLY D 77 50.62 -3.17 -3.66
N PHE D 78 51.01 -2.11 -2.95
CA PHE D 78 50.59 -1.90 -1.58
C PHE D 78 49.94 -0.54 -1.43
N LEU D 79 48.70 -0.53 -0.94
CA LEU D 79 48.11 0.70 -0.43
C LEU D 79 48.56 0.88 1.01
N CYS D 80 49.32 1.94 1.28
CA CYS D 80 49.69 2.28 2.64
C CYS D 80 48.71 3.34 3.15
N VAL D 81 47.82 2.94 4.05
CA VAL D 81 46.68 3.75 4.43
C VAL D 81 46.92 4.34 5.82
N PHE D 82 46.64 5.64 5.94
CA PHE D 82 46.47 6.30 7.23
C PHE D 82 45.13 7.04 7.22
N ALA D 83 44.71 7.50 8.40
CA ALA D 83 43.54 8.35 8.52
C ALA D 83 43.99 9.79 8.75
N ILE D 84 43.37 10.75 8.04
CA ILE D 84 43.81 12.14 8.06
C ILE D 84 43.49 12.80 9.41
N ASN D 85 42.66 12.14 10.22
CA ASN D 85 42.34 12.67 11.55
C ASN D 85 43.00 11.81 12.62
N ASN D 86 44.03 11.04 12.23
CA ASN D 86 44.74 10.15 13.14
C ASN D 86 46.24 10.27 12.89
N THR D 87 46.91 11.07 13.71
CA THR D 87 48.33 11.34 13.55
C THR D 87 49.18 10.08 13.71
N LYS D 88 48.81 9.23 14.68
CA LYS D 88 49.58 8.01 14.92
C LYS D 88 49.66 7.16 13.65
N SER D 89 48.51 7.07 12.96
CA SER D 89 48.41 6.22 11.80
C SER D 89 49.36 6.70 10.71
N PHE D 90 49.55 8.03 10.68
CA PHE D 90 50.46 8.65 9.73
C PHE D 90 51.91 8.34 10.13
N GLU D 91 52.19 8.38 11.44
CA GLU D 91 53.54 8.15 11.94
C GLU D 91 53.96 6.72 11.64
N ASP D 92 52.96 5.81 11.63
CA ASP D 92 53.21 4.40 11.41
C ASP D 92 53.63 4.09 9.98
N ILE D 93 53.34 5.00 9.03
CA ILE D 93 53.45 4.69 7.60
C ILE D 93 54.86 4.23 7.28
N HIS D 94 55.81 4.94 7.89
CA HIS D 94 57.20 4.69 7.54
C HIS D 94 57.57 3.24 7.82
N HIS D 95 57.07 2.78 8.97
CA HIS D 95 57.20 1.40 9.42
C HIS D 95 56.66 0.42 8.38
N TYR D 96 55.46 0.71 7.85
CA TYR D 96 54.83 -0.17 6.87
C TYR D 96 55.64 -0.24 5.60
N ARG D 97 56.11 0.94 5.15
CA ARG D 97 56.94 1.00 3.95
C ARG D 97 58.19 0.14 4.14
N GLU D 98 58.83 0.28 5.31
CA GLU D 98 60.07 -0.44 5.62
C GLU D 98 59.83 -1.94 5.54
N GLN D 99 58.70 -2.35 6.12
CA GLN D 99 58.40 -3.75 6.20
C GLN D 99 58.21 -4.32 4.81
N ILE D 100 57.52 -3.55 3.95
CA ILE D 100 57.19 -4.00 2.61
C ILE D 100 58.47 -4.15 1.81
N LYS D 101 59.37 -3.18 1.95
CA LYS D 101 60.64 -3.23 1.24
C LYS D 101 61.43 -4.47 1.64
N ARG D 102 61.36 -4.85 2.91
CA ARG D 102 62.07 -6.00 3.44
C ARG D 102 61.45 -7.32 2.97
N VAL D 103 60.11 -7.41 2.96
CA VAL D 103 59.37 -8.57 2.47
C VAL D 103 59.71 -8.83 1.01
N LYS D 104 59.64 -7.75 0.23
CA LYS D 104 59.84 -7.79 -1.21
C LYS D 104 61.34 -7.80 -1.54
N ASP D 105 62.15 -7.45 -0.54
CA ASP D 105 63.58 -7.28 -0.69
C ASP D 105 63.89 -6.40 -1.90
N SER D 106 63.22 -5.24 -1.98
CA SER D 106 63.35 -4.28 -3.07
C SER D 106 62.88 -2.89 -2.62
N GLU D 107 63.52 -1.87 -3.18
CA GLU D 107 63.24 -0.49 -2.82
C GLU D 107 62.25 0.08 -3.84
N ASP D 108 61.97 -0.72 -4.89
CA ASP D 108 61.06 -0.31 -5.95
C ASP D 108 59.85 -1.24 -6.01
N VAL D 109 58.94 -1.00 -5.09
CA VAL D 109 57.71 -1.73 -4.97
C VAL D 109 56.58 -0.75 -5.27
N PRO D 110 55.69 -1.04 -6.26
CA PRO D 110 54.52 -0.19 -6.51
C PRO D 110 53.73 0.01 -5.22
N MET D 111 53.44 1.28 -4.94
CA MET D 111 52.87 1.64 -3.67
C MET D 111 52.15 2.97 -3.82
N VAL D 112 51.06 3.14 -3.08
CA VAL D 112 50.35 4.41 -3.05
C VAL D 112 50.11 4.75 -1.58
N LEU D 113 50.43 6.00 -1.20
CA LEU D 113 50.09 6.49 0.12
C LEU D 113 48.65 6.99 0.08
N VAL D 114 47.82 6.50 1.01
CA VAL D 114 46.39 6.81 1.00
C VAL D 114 46.02 7.48 2.31
N GLY D 115 45.54 8.71 2.21
CA GLY D 115 44.97 9.41 3.35
C GLY D 115 43.45 9.26 3.37
N ASN D 116 42.97 8.37 4.24
CA ASN D 116 41.55 8.05 4.28
C ASN D 116 40.81 8.93 5.28
N LYS D 117 39.47 8.95 5.17
CA LYS D 117 38.60 9.72 6.06
C LYS D 117 38.67 11.20 5.71
N CYS D 118 38.83 11.50 4.42
CA CYS D 118 38.99 12.86 3.94
C CYS D 118 37.70 13.65 4.09
N ASP D 119 36.61 12.96 4.48
CA ASP D 119 35.31 13.57 4.64
C ASP D 119 35.23 14.33 5.95
N LEU D 120 36.14 13.98 6.88
CA LEU D 120 36.12 14.52 8.23
C LEU D 120 36.63 15.95 8.27
N PRO D 121 35.95 16.83 9.05
CA PRO D 121 36.43 18.19 9.29
C PRO D 121 37.55 18.29 10.32
N SER D 122 37.79 17.19 11.06
CA SER D 122 38.76 17.20 12.16
C SER D 122 40.16 16.72 11.73
N ARG D 123 40.67 17.25 10.63
CA ARG D 123 41.95 16.82 10.09
C ARG D 123 43.11 17.25 10.99
N THR D 124 44.03 16.32 11.21
CA THR D 124 45.21 16.60 12.03
C THR D 124 46.49 16.38 11.22
N VAL D 125 46.38 15.66 10.10
CA VAL D 125 47.51 15.44 9.21
C VAL D 125 47.28 16.31 7.98
N ASP D 126 48.08 17.36 7.82
CA ASP D 126 47.81 18.21 6.66
C ASP D 126 48.26 17.51 5.38
N THR D 127 47.60 17.90 4.31
CA THR D 127 47.82 17.30 3.01
C THR D 127 49.29 17.46 2.63
N LYS D 128 49.85 18.62 2.94
CA LYS D 128 51.23 18.92 2.59
C LYS D 128 52.21 17.92 3.21
N GLN D 129 51.94 17.53 4.46
CA GLN D 129 52.81 16.59 5.14
C GLN D 129 52.79 15.26 4.40
N ALA D 130 51.58 14.84 4.02
CA ALA D 130 51.36 13.58 3.33
C ALA D 130 52.00 13.64 1.94
N GLN D 131 51.86 14.79 1.28
CA GLN D 131 52.45 14.98 -0.04
C GLN D 131 53.98 14.92 0.07
N ASP D 132 54.54 15.55 1.10
CA ASP D 132 55.98 15.53 1.32
C ASP D 132 56.47 14.10 1.50
N LEU D 133 55.70 13.31 2.25
CA LEU D 133 56.10 11.95 2.55
C LEU D 133 56.08 11.13 1.27
N ALA D 134 54.99 11.25 0.50
CA ALA D 134 54.83 10.54 -0.76
C ALA D 134 55.94 10.95 -1.71
N ARG D 135 56.27 12.25 -1.72
CA ARG D 135 57.31 12.74 -2.58
C ARG D 135 58.66 12.11 -2.23
N SER D 136 58.95 12.02 -0.92
CA SER D 136 60.22 11.49 -0.48
C SER D 136 60.35 10.03 -0.94
N TYR D 137 59.20 9.35 -1.04
CA TYR D 137 59.14 7.95 -1.41
C TYR D 137 58.99 7.79 -2.92
N GLY D 138 58.64 8.88 -3.61
CA GLY D 138 58.44 8.89 -5.05
C GLY D 138 57.24 8.05 -5.46
N ILE D 139 56.17 8.15 -4.67
CA ILE D 139 54.96 7.40 -4.94
C ILE D 139 53.80 8.39 -4.94
N PRO D 140 52.66 8.02 -5.56
CA PRO D 140 51.44 8.82 -5.52
C PRO D 140 50.92 8.96 -4.10
N PHE D 141 50.28 10.10 -3.81
CA PHE D 141 49.47 10.24 -2.62
C PHE D 141 48.05 10.56 -3.04
N ILE D 142 47.09 9.79 -2.52
CA ILE D 142 45.69 9.95 -2.88
C ILE D 142 44.86 10.13 -1.61
N GLU D 143 43.96 11.10 -1.65
CA GLU D 143 43.04 11.31 -0.55
C GLU D 143 41.75 10.54 -0.82
N THR D 144 41.29 9.78 0.18
CA THR D 144 40.11 8.96 -0.01
C THR D 144 39.14 9.18 1.13
N SER D 145 37.86 8.94 0.84
CA SER D 145 36.86 8.76 1.86
C SER D 145 36.05 7.52 1.50
N ALA D 146 36.18 6.48 2.35
CA ALA D 146 35.41 5.27 2.17
C ALA D 146 33.92 5.55 2.38
N LYS D 147 33.60 6.63 3.10
CA LYS D 147 32.20 6.92 3.39
C LYS D 147 31.51 7.51 2.16
N THR D 148 32.21 8.41 1.45
CA THR D 148 31.63 9.14 0.34
C THR D 148 32.17 8.63 -0.99
N ARG D 149 33.01 7.59 -0.94
CA ARG D 149 33.60 6.98 -2.14
C ARG D 149 34.60 7.92 -2.83
N GLN D 150 34.86 9.09 -2.22
CA GLN D 150 35.85 10.01 -2.75
C GLN D 150 37.19 9.29 -2.96
N GLY D 151 37.67 9.33 -4.21
CA GLY D 151 39.01 8.89 -4.55
C GLY D 151 39.20 7.39 -4.40
N VAL D 152 38.11 6.64 -4.19
CA VAL D 152 38.24 5.21 -3.87
C VAL D 152 38.69 4.42 -5.10
N ASP D 153 37.95 4.58 -6.21
CA ASP D 153 38.39 3.99 -7.45
C ASP D 153 39.80 4.45 -7.76
N ASP D 154 40.02 5.74 -7.54
CA ASP D 154 41.29 6.40 -7.81
C ASP D 154 42.44 5.70 -7.09
N ALA D 155 42.31 5.48 -5.78
CA ALA D 155 43.38 4.91 -4.99
C ALA D 155 43.82 3.56 -5.55
N PHE D 156 42.83 2.67 -5.78
CA PHE D 156 43.12 1.32 -6.22
C PHE D 156 43.60 1.30 -7.66
N TYR D 157 42.95 2.12 -8.49
CA TYR D 157 43.28 2.13 -9.90
C TYR D 157 44.68 2.70 -10.06
N THR D 158 45.06 3.67 -9.22
CA THR D 158 46.38 4.30 -9.26
C THR D 158 47.45 3.28 -8.90
N LEU D 159 47.14 2.39 -7.95
CA LEU D 159 48.08 1.35 -7.60
C LEU D 159 48.28 0.41 -8.78
N VAL D 160 47.18 0.08 -9.49
CA VAL D 160 47.24 -0.75 -10.69
C VAL D 160 48.14 -0.07 -11.71
N ARG D 161 47.93 1.23 -11.92
CA ARG D 161 48.74 2.00 -12.85
C ARG D 161 50.21 1.98 -12.43
N GLU D 162 50.49 2.00 -11.12
CA GLU D 162 51.86 1.92 -10.61
C GLU D 162 52.47 0.57 -10.95
N ILE D 163 51.68 -0.49 -10.79
CA ILE D 163 52.09 -1.86 -11.11
C ILE D 163 52.37 -1.96 -12.61
N ARG D 164 51.46 -1.41 -13.43
CA ARG D 164 51.61 -1.44 -14.87
C ARG D 164 52.94 -0.81 -15.27
N LYS D 165 53.29 0.32 -14.65
CA LYS D 165 54.53 1.01 -14.93
C LYS D 165 55.69 0.10 -14.58
N HIS D 166 55.62 -0.49 -13.38
CA HIS D 166 56.68 -1.33 -12.85
C HIS D 166 56.95 -2.51 -13.78
N LYS D 167 55.87 -3.16 -14.24
CA LYS D 167 55.96 -4.34 -15.08
C LYS D 167 56.50 -4.01 -16.45
N GLU D 168 56.29 -2.77 -16.90
CA GLU D 168 56.74 -2.25 -18.19
C GLU D 168 58.22 -1.83 -18.12
N MET E 1 -65.03 28.06 7.73
CA MET E 1 -63.60 28.46 7.84
C MET E 1 -62.75 27.63 6.88
N THR E 2 -62.11 28.30 5.92
CA THR E 2 -61.53 27.58 4.79
C THR E 2 -60.40 26.69 5.29
N GLU E 3 -60.55 25.40 4.99
CA GLU E 3 -59.47 24.49 5.16
C GLU E 3 -58.98 24.15 3.77
N TYR E 4 -57.66 24.09 3.64
CA TYR E 4 -57.04 23.58 2.43
C TYR E 4 -56.37 22.26 2.74
N LYS E 5 -56.73 21.23 1.96
CA LYS E 5 -56.14 19.92 2.16
C LYS E 5 -54.99 19.76 1.17
N LEU E 6 -53.77 19.77 1.72
CA LEU E 6 -52.56 19.69 0.92
C LEU E 6 -51.94 18.32 1.14
N VAL E 7 -51.44 17.73 0.05
CA VAL E 7 -50.81 16.43 0.11
C VAL E 7 -49.40 16.54 -0.46
N VAL E 8 -48.41 16.14 0.33
CA VAL E 8 -47.02 16.26 -0.05
C VAL E 8 -46.55 14.88 -0.53
N VAL E 9 -46.14 14.80 -1.80
CA VAL E 9 -45.75 13.53 -2.41
C VAL E 9 -44.34 13.70 -2.98
N GLY E 10 -43.67 12.57 -3.25
CA GLY E 10 -42.34 12.57 -3.84
C GLY E 10 -41.53 11.40 -3.32
N ALA E 11 -40.38 11.15 -3.99
CA ALA E 11 -39.48 10.06 -3.65
C ALA E 11 -39.08 10.15 -2.19
N VAL E 12 -38.81 8.98 -1.60
CA VAL E 12 -38.43 8.96 -0.20
C VAL E 12 -37.17 9.79 0.01
N GLY E 13 -37.16 10.57 1.08
CA GLY E 13 -35.99 11.30 1.53
C GLY E 13 -35.71 12.58 0.74
N VAL E 14 -36.69 13.05 -0.05
CA VAL E 14 -36.55 14.32 -0.77
C VAL E 14 -36.77 15.49 0.19
N GLY E 15 -37.42 15.21 1.32
CA GLY E 15 -37.59 16.21 2.36
C GLY E 15 -39.05 16.60 2.52
N LYS E 16 -39.98 15.72 2.14
CA LYS E 16 -41.41 15.94 2.34
C LYS E 16 -41.68 16.19 3.82
N SER E 17 -41.10 15.33 4.68
CA SER E 17 -41.26 15.43 6.13
C SER E 17 -40.59 16.70 6.69
N ALA E 18 -39.37 16.95 6.21
CA ALA E 18 -38.58 18.10 6.66
C ALA E 18 -39.30 19.41 6.33
N LEU E 19 -39.88 19.48 5.12
CA LEU E 19 -40.60 20.66 4.63
C LEU E 19 -41.85 20.90 5.46
N THR E 20 -42.60 19.82 5.71
CA THR E 20 -43.88 19.94 6.39
C THR E 20 -43.63 20.36 7.83
N ILE E 21 -42.64 19.74 8.47
CA ILE E 21 -42.32 20.07 9.84
C ILE E 21 -41.81 21.50 9.94
N GLN E 22 -40.99 21.91 8.97
CA GLN E 22 -40.53 23.28 8.94
C GLN E 22 -41.71 24.23 8.93
N LEU E 23 -42.67 23.99 8.03
CA LEU E 23 -43.81 24.88 7.90
C LEU E 23 -44.58 24.94 9.22
N ILE E 24 -44.82 23.76 9.81
CA ILE E 24 -45.72 23.58 10.94
C ILE E 24 -45.03 23.98 12.25
N GLN E 25 -43.77 23.56 12.44
CA GLN E 25 -43.16 23.60 13.76
C GLN E 25 -41.93 24.51 13.79
N ASN E 26 -41.58 25.04 12.62
CA ASN E 26 -40.53 26.04 12.49
C ASN E 26 -39.17 25.49 12.93
N HIS E 27 -38.91 24.22 12.63
CA HIS E 27 -37.56 23.69 12.81
C HIS E 27 -37.30 22.58 11.81
N PHE E 28 -36.02 22.21 11.68
CA PHE E 28 -35.57 21.33 10.62
C PHE E 28 -35.17 19.98 11.22
N VAL E 29 -35.80 18.92 10.72
CA VAL E 29 -35.68 17.61 11.33
C VAL E 29 -34.74 16.80 10.47
N ASP E 30 -33.63 16.38 11.08
CA ASP E 30 -32.58 15.64 10.40
C ASP E 30 -33.05 14.20 10.21
N GLU E 31 -33.78 13.70 11.20
CA GLU E 31 -34.17 12.30 11.18
C GLU E 31 -35.66 12.20 11.41
N TYR E 32 -36.36 11.93 10.32
CA TYR E 32 -37.78 11.70 10.44
C TYR E 32 -38.10 10.39 9.74
N ASP E 33 -38.56 9.43 10.55
CA ASP E 33 -38.80 8.06 10.14
C ASP E 33 -39.42 8.05 8.75
N PRO E 34 -38.71 7.43 7.78
CA PRO E 34 -39.16 7.40 6.39
C PRO E 34 -40.53 6.74 6.18
N THR E 35 -41.01 5.95 7.14
CA THR E 35 -42.24 5.21 6.92
C THR E 35 -43.43 5.95 7.51
N ILE E 36 -43.17 6.94 8.36
CA ILE E 36 -44.25 7.55 9.12
C ILE E 36 -44.96 8.54 8.23
N GLU E 37 -46.24 8.25 8.05
CA GLU E 37 -47.14 9.16 7.40
C GLU E 37 -47.96 9.85 8.48
N ASP E 38 -48.07 11.18 8.38
CA ASP E 38 -48.76 11.90 9.43
C ASP E 38 -49.41 13.13 8.83
N SER E 39 -50.42 13.63 9.54
CA SER E 39 -51.10 14.82 9.08
C SER E 39 -50.90 15.96 10.08
N TYR E 40 -50.87 17.17 9.55
CA TYR E 40 -50.56 18.35 10.36
C TYR E 40 -51.49 19.47 9.96
N ARG E 41 -51.94 20.24 10.97
CA ARG E 41 -52.76 21.40 10.73
C ARG E 41 -52.05 22.63 11.28
N LYS E 42 -52.28 23.74 10.59
CA LYS E 42 -51.73 25.02 11.00
C LYS E 42 -52.67 26.11 10.50
N GLN E 43 -52.89 27.12 11.35
CA GLN E 43 -53.61 28.29 10.89
C GLN E 43 -52.60 29.32 10.39
N VAL E 44 -52.82 29.79 9.17
CA VAL E 44 -51.90 30.72 8.54
C VAL E 44 -52.71 31.86 7.92
N VAL E 45 -52.01 32.98 7.73
CA VAL E 45 -52.56 34.09 6.96
C VAL E 45 -51.80 34.15 5.64
N ILE E 46 -52.54 34.03 4.53
CA ILE E 46 -51.98 34.05 3.19
C ILE E 46 -52.69 35.15 2.43
N ASP E 47 -51.96 36.21 2.08
CA ASP E 47 -52.53 37.34 1.35
C ASP E 47 -53.73 37.88 2.13
N GLY E 48 -53.55 38.01 3.45
CA GLY E 48 -54.56 38.62 4.30
C GLY E 48 -55.70 37.67 4.61
N GLU E 49 -55.68 36.49 3.98
CA GLU E 49 -56.74 35.53 4.22
C GLU E 49 -56.26 34.52 5.24
N THR E 50 -56.99 34.41 6.34
CA THR E 50 -56.69 33.37 7.31
C THR E 50 -57.29 32.06 6.81
N CYS E 51 -56.49 31.00 6.81
CA CYS E 51 -57.02 29.70 6.44
C CYS E 51 -56.40 28.62 7.32
N LEU E 52 -57.04 27.45 7.34
CA LEU E 52 -56.43 26.28 7.95
C LEU E 52 -55.75 25.45 6.86
N LEU E 53 -54.48 25.15 7.09
CA LEU E 53 -53.79 24.18 6.26
C LEU E 53 -53.89 22.82 6.91
N ASP E 54 -54.31 21.83 6.11
CA ASP E 54 -54.43 20.46 6.56
C ASP E 54 -53.59 19.60 5.64
N ILE E 55 -52.41 19.20 6.14
CA ILE E 55 -51.35 18.71 5.28
C ILE E 55 -51.10 17.23 5.58
N LEU E 56 -51.16 16.41 4.53
CA LEU E 56 -50.73 15.03 4.66
C LEU E 56 -49.29 14.92 4.17
N ASP E 57 -48.42 14.45 5.07
CA ASP E 57 -47.03 14.14 4.73
C ASP E 57 -46.95 12.65 4.42
N THR E 58 -46.96 12.33 3.12
CA THR E 58 -46.97 10.94 2.66
C THR E 58 -45.59 10.30 2.89
N ALA E 59 -45.61 9.00 3.13
CA ALA E 59 -44.35 8.33 3.34
C ALA E 59 -44.33 7.17 2.37
N GLY E 60 -45.34 7.23 1.49
CA GLY E 60 -45.67 6.15 0.57
C GLY E 60 -45.64 4.79 1.23
N GLN E 61 -46.30 4.66 2.38
CA GLN E 61 -46.44 3.31 2.86
C GLN E 61 -47.60 2.72 2.11
N GLU E 62 -47.69 1.39 2.12
CA GLU E 62 -48.80 0.73 1.46
C GLU E 62 -50.00 0.70 2.40
N GLU E 63 -49.75 0.38 3.67
CA GLU E 63 -50.75 -0.05 4.64
C GLU E 63 -51.81 1.01 4.93
N TYR E 64 -53.03 0.54 4.83
CA TYR E 64 -54.20 1.34 4.57
C TYR E 64 -54.58 2.20 5.78
N SER E 65 -54.47 3.50 5.65
CA SER E 65 -55.16 4.30 6.64
C SER E 65 -56.38 4.95 5.98
N ALA E 66 -57.53 4.94 6.66
CA ALA E 66 -58.76 5.47 6.09
C ALA E 66 -58.57 6.95 5.75
N MET E 67 -57.77 7.61 6.59
CA MET E 67 -57.49 9.02 6.46
C MET E 67 -56.74 9.27 5.16
N ARG E 68 -55.75 8.42 4.84
CA ARG E 68 -54.91 8.58 3.65
C ARG E 68 -55.73 8.41 2.37
N ASP E 69 -56.64 7.44 2.38
CA ASP E 69 -57.49 7.20 1.22
C ASP E 69 -58.33 8.45 0.96
N GLN E 70 -58.90 8.95 2.05
CA GLN E 70 -59.76 10.11 1.99
C GLN E 70 -58.95 11.26 1.46
N TYR E 71 -57.69 11.32 1.90
CA TYR E 71 -56.82 12.41 1.53
C TYR E 71 -56.47 12.40 0.05
N MET E 72 -56.32 11.21 -0.55
CA MET E 72 -55.86 11.26 -1.93
C MET E 72 -56.99 11.79 -2.79
N ARG E 73 -58.17 11.22 -2.48
CA ARG E 73 -59.47 11.56 -3.03
C ARG E 73 -59.78 13.04 -2.83
N THR E 74 -59.76 13.48 -1.57
CA THR E 74 -60.23 14.79 -1.16
C THR E 74 -59.06 15.76 -0.97
N GLY E 75 -57.83 15.35 -1.32
CA GLY E 75 -56.69 16.26 -1.35
C GLY E 75 -56.89 17.29 -2.45
N GLU E 76 -56.74 18.57 -2.09
CA GLU E 76 -57.15 19.63 -2.99
C GLU E 76 -55.95 20.08 -3.82
N GLY E 77 -54.77 20.00 -3.21
CA GLY E 77 -53.54 20.37 -3.89
C GLY E 77 -52.39 19.44 -3.51
N PHE E 78 -51.45 19.28 -4.44
CA PHE E 78 -50.35 18.35 -4.25
C PHE E 78 -49.02 19.07 -4.46
N LEU E 79 -48.15 19.00 -3.44
CA LEU E 79 -46.77 19.37 -3.63
C LEU E 79 -46.05 18.15 -4.20
N CYS E 80 -45.53 18.26 -5.42
CA CYS E 80 -44.68 17.22 -5.98
C CYS E 80 -43.22 17.60 -5.75
N VAL E 81 -42.57 16.90 -4.81
CA VAL E 81 -41.27 17.30 -4.31
C VAL E 81 -40.19 16.38 -4.89
N PHE E 82 -39.12 17.01 -5.36
CA PHE E 82 -37.86 16.32 -5.64
C PHE E 82 -36.75 17.05 -4.89
N ALA E 83 -35.57 16.41 -4.83
CA ALA E 83 -34.39 17.05 -4.32
C ALA E 83 -33.47 17.46 -5.48
N ILE E 84 -32.95 18.68 -5.44
CA ILE E 84 -32.18 19.24 -6.55
C ILE E 84 -30.84 18.51 -6.71
N ASN E 85 -30.44 17.74 -5.69
CA ASN E 85 -29.18 17.02 -5.76
C ASN E 85 -29.46 15.51 -5.87
N ASN E 86 -30.67 15.16 -6.33
CA ASN E 86 -31.09 13.77 -6.49
C ASN E 86 -31.82 13.64 -7.81
N THR E 87 -31.11 13.13 -8.83
CA THR E 87 -31.65 13.07 -10.18
C THR E 87 -32.85 12.10 -10.26
N LYS E 88 -32.74 10.97 -9.57
CA LYS E 88 -33.79 9.96 -9.57
C LYS E 88 -35.11 10.56 -9.10
N SER E 89 -35.02 11.40 -8.06
CA SER E 89 -36.20 11.98 -7.45
C SER E 89 -36.92 12.86 -8.46
N PHE E 90 -36.13 13.49 -9.33
CA PHE E 90 -36.66 14.33 -10.39
C PHE E 90 -37.31 13.45 -11.47
N GLU E 91 -36.68 12.32 -11.80
CA GLU E 91 -37.20 11.42 -12.82
C GLU E 91 -38.53 10.82 -12.38
N ASP E 92 -38.68 10.65 -11.06
CA ASP E 92 -39.88 10.09 -10.47
C ASP E 92 -41.09 11.01 -10.60
N ILE E 93 -40.87 12.32 -10.78
CA ILE E 93 -41.93 13.32 -10.63
C ILE E 93 -43.08 12.97 -11.56
N HIS E 94 -42.72 12.56 -12.77
CA HIS E 94 -43.73 12.34 -13.77
C HIS E 94 -44.71 11.27 -13.31
N HIS E 95 -44.16 10.24 -12.67
CA HIS E 95 -44.90 9.17 -12.04
C HIS E 95 -45.92 9.71 -11.03
N TYR E 96 -45.47 10.62 -10.15
CA TYR E 96 -46.33 11.17 -9.11
C TYR E 96 -47.46 11.99 -9.73
N ARG E 97 -47.10 12.80 -10.74
CA ARG E 97 -48.10 13.59 -11.44
C ARG E 97 -49.15 12.67 -12.05
N GLU E 98 -48.71 11.57 -12.69
CA GLU E 98 -49.59 10.62 -13.36
C GLU E 98 -50.57 10.04 -12.35
N GLN E 99 -50.02 9.67 -11.18
CA GLN E 99 -50.80 9.04 -10.14
C GLN E 99 -51.91 9.98 -9.70
N ILE E 100 -51.55 11.26 -9.52
CA ILE E 100 -52.48 12.24 -8.99
C ILE E 100 -53.58 12.49 -10.01
N LYS E 101 -53.20 12.58 -11.28
CA LYS E 101 -54.17 12.79 -12.35
C LYS E 101 -55.16 11.64 -12.40
N ARG E 102 -54.69 10.42 -12.13
CA ARG E 102 -55.55 9.25 -12.15
C ARG E 102 -56.51 9.22 -10.95
N VAL E 103 -55.99 9.53 -9.74
CA VAL E 103 -56.79 9.57 -8.52
C VAL E 103 -57.92 10.58 -8.65
N LYS E 104 -57.56 11.76 -9.17
CA LYS E 104 -58.50 12.85 -9.31
C LYS E 104 -59.27 12.70 -10.63
N ASP E 105 -58.79 11.82 -11.50
CA ASP E 105 -59.32 11.62 -12.83
C ASP E 105 -59.51 12.97 -13.55
N SER E 106 -58.45 13.79 -13.55
CA SER E 106 -58.47 15.15 -14.08
C SER E 106 -57.07 15.58 -14.54
N GLU E 107 -57.07 16.46 -15.55
CA GLU E 107 -55.86 17.04 -16.09
C GLU E 107 -55.47 18.28 -15.31
N ASP E 108 -56.48 18.80 -14.57
CA ASP E 108 -56.29 20.06 -13.87
C ASP E 108 -56.51 19.87 -12.39
N VAL E 109 -55.41 19.49 -11.75
CA VAL E 109 -55.33 19.36 -10.32
C VAL E 109 -54.34 20.41 -9.84
N PRO E 110 -54.71 21.31 -8.89
CA PRO E 110 -53.75 22.24 -8.31
C PRO E 110 -52.53 21.49 -7.78
N MET E 111 -51.37 21.95 -8.21
CA MET E 111 -50.14 21.23 -7.98
C MET E 111 -48.99 22.22 -8.09
N VAL E 112 -47.95 21.99 -7.28
CA VAL E 112 -46.74 22.79 -7.35
C VAL E 112 -45.56 21.82 -7.43
N LEU E 113 -44.66 22.05 -8.39
CA LEU E 113 -43.41 21.30 -8.44
C LEU E 113 -42.42 21.98 -7.49
N VAL E 114 -41.84 21.19 -6.57
CA VAL E 114 -40.98 21.73 -5.54
C VAL E 114 -39.61 21.09 -5.65
N GLY E 115 -38.59 21.92 -5.91
CA GLY E 115 -37.21 21.49 -5.86
C GLY E 115 -36.62 21.80 -4.49
N ASN E 116 -36.50 20.77 -3.65
CA ASN E 116 -36.05 20.95 -2.28
C ASN E 116 -34.54 20.75 -2.16
N LYS E 117 -33.98 21.20 -1.02
CA LYS E 117 -32.57 21.07 -0.68
C LYS E 117 -31.73 22.04 -1.51
N CYS E 118 -32.31 23.22 -1.77
CA CYS E 118 -31.67 24.18 -2.65
C CYS E 118 -30.46 24.84 -2.00
N ASP E 119 -30.20 24.45 -0.73
CA ASP E 119 -29.06 24.98 0.03
C ASP E 119 -27.79 24.25 -0.37
N LEU E 120 -27.96 23.09 -1.04
CA LEU E 120 -26.83 22.20 -1.32
C LEU E 120 -25.96 22.72 -2.46
N PRO E 121 -24.62 22.61 -2.30
CA PRO E 121 -23.66 22.93 -3.37
C PRO E 121 -23.53 21.88 -4.48
N SER E 122 -24.11 20.69 -4.25
CA SER E 122 -24.02 19.57 -5.17
C SER E 122 -25.30 19.43 -6.02
N ARG E 123 -25.64 20.46 -6.81
CA ARG E 123 -26.88 20.39 -7.58
C ARG E 123 -26.69 19.54 -8.84
N THR E 124 -27.65 18.64 -9.10
CA THR E 124 -27.58 17.79 -10.27
C THR E 124 -28.77 18.04 -11.20
N VAL E 125 -29.84 18.63 -10.66
CA VAL E 125 -31.01 18.95 -11.44
C VAL E 125 -31.04 20.45 -11.63
N ASP E 126 -30.76 20.89 -12.86
CA ASP E 126 -30.73 22.32 -13.06
C ASP E 126 -32.14 22.88 -13.03
N THR E 127 -32.19 24.14 -12.62
CA THR E 127 -33.45 24.82 -12.42
C THR E 127 -34.21 24.84 -13.74
N LYS E 128 -33.51 25.03 -14.85
CA LYS E 128 -34.15 25.12 -16.15
C LYS E 128 -34.93 23.84 -16.48
N GLN E 129 -34.37 22.67 -16.11
CA GLN E 129 -35.03 21.42 -16.39
C GLN E 129 -36.35 21.38 -15.64
N ALA E 130 -36.28 21.80 -14.36
CA ALA E 130 -37.43 21.79 -13.48
C ALA E 130 -38.46 22.80 -13.98
N GLN E 131 -38.00 23.97 -14.44
CA GLN E 131 -38.88 25.00 -14.97
C GLN E 131 -39.57 24.49 -16.22
N ASP E 132 -38.82 23.80 -17.10
CA ASP E 132 -39.39 23.25 -18.32
C ASP E 132 -40.48 22.25 -17.99
N LEU E 133 -40.23 21.43 -16.96
CA LEU E 133 -41.17 20.39 -16.60
C LEU E 133 -42.44 21.03 -16.07
N ALA E 134 -42.29 21.99 -15.15
CA ALA E 134 -43.40 22.70 -14.54
C ALA E 134 -44.22 23.39 -15.63
N ARG E 135 -43.50 24.03 -16.57
CA ARG E 135 -44.18 24.75 -17.63
C ARG E 135 -45.00 23.79 -18.49
N SER E 136 -44.44 22.60 -18.77
CA SER E 136 -45.16 21.63 -19.59
C SER E 136 -46.46 21.23 -18.91
N TYR E 137 -46.42 21.21 -17.57
CA TYR E 137 -47.54 20.80 -16.74
C TYR E 137 -48.46 21.98 -16.45
N GLY E 138 -47.96 23.20 -16.70
CA GLY E 138 -48.71 24.42 -16.45
C GLY E 138 -48.93 24.67 -14.97
N ILE E 139 -47.89 24.38 -14.18
CA ILE E 139 -47.97 24.56 -12.73
C ILE E 139 -46.75 25.36 -12.31
N PRO E 140 -46.81 26.01 -11.12
CA PRO E 140 -45.67 26.75 -10.57
C PRO E 140 -44.54 25.80 -10.23
N PHE E 141 -43.30 26.31 -10.33
CA PHE E 141 -42.14 25.62 -9.79
C PHE E 141 -41.47 26.51 -8.74
N ILE E 142 -41.21 25.94 -7.55
CA ILE E 142 -40.65 26.70 -6.44
C ILE E 142 -39.45 25.97 -5.88
N GLU E 143 -38.37 26.73 -5.64
CA GLU E 143 -37.18 26.16 -5.03
C GLU E 143 -37.25 26.37 -3.52
N THR E 144 -37.02 25.27 -2.77
CA THR E 144 -37.14 25.32 -1.33
C THR E 144 -35.90 24.72 -0.69
N SER E 145 -35.65 25.16 0.54
CA SER E 145 -34.71 24.50 1.43
C SER E 145 -35.38 24.37 2.79
N ALA E 146 -35.65 23.12 3.18
CA ALA E 146 -36.22 22.86 4.49
C ALA E 146 -35.21 23.22 5.59
N LYS E 147 -33.93 23.26 5.23
CA LYS E 147 -32.91 23.52 6.24
C LYS E 147 -32.89 25.01 6.60
N THR E 148 -33.00 25.87 5.57
CA THR E 148 -32.85 27.30 5.73
C THR E 148 -34.21 28.00 5.61
N ARG E 149 -35.28 27.21 5.46
CA ARG E 149 -36.64 27.71 5.38
C ARG E 149 -36.90 28.50 4.10
N GLN E 150 -35.89 28.57 3.21
CA GLN E 150 -36.04 29.22 1.92
C GLN E 150 -37.27 28.64 1.19
N GLY E 151 -38.17 29.55 0.82
CA GLY E 151 -39.27 29.23 -0.07
C GLY E 151 -40.29 28.29 0.57
N VAL E 152 -40.19 28.04 1.89
CA VAL E 152 -41.04 27.04 2.52
C VAL E 152 -42.47 27.54 2.60
N ASP E 153 -42.65 28.74 3.18
CA ASP E 153 -43.98 29.34 3.20
C ASP E 153 -44.48 29.46 1.76
N ASP E 154 -43.56 29.86 0.88
CA ASP E 154 -43.85 30.07 -0.53
C ASP E 154 -44.45 28.83 -1.19
N ALA E 155 -43.80 27.67 -1.00
CA ALA E 155 -44.26 26.44 -1.64
C ALA E 155 -45.71 26.14 -1.26
N PHE E 156 -46.00 26.17 0.06
CA PHE E 156 -47.30 25.78 0.57
C PHE E 156 -48.34 26.83 0.20
N TYR E 157 -47.95 28.10 0.34
CA TYR E 157 -48.87 29.19 0.10
C TYR E 157 -49.24 29.22 -1.38
N THR E 158 -48.26 28.91 -2.26
CA THR E 158 -48.45 28.90 -3.70
C THR E 158 -49.46 27.84 -4.10
N LEU E 159 -49.39 26.70 -3.40
CA LEU E 159 -50.34 25.63 -3.65
C LEU E 159 -51.74 26.10 -3.27
N VAL E 160 -51.86 26.80 -2.13
CA VAL E 160 -53.13 27.35 -1.68
C VAL E 160 -53.67 28.30 -2.74
N ARG E 161 -52.81 29.17 -3.25
CA ARG E 161 -53.20 30.10 -4.29
C ARG E 161 -53.71 29.35 -5.53
N GLU E 162 -53.06 28.22 -5.86
CA GLU E 162 -53.46 27.38 -6.99
C GLU E 162 -54.86 26.82 -6.76
N ILE E 163 -55.10 26.37 -5.53
CA ILE E 163 -56.39 25.82 -5.12
C ILE E 163 -57.45 26.92 -5.19
N ARG E 164 -57.14 28.11 -4.68
CA ARG E 164 -58.09 29.21 -4.64
C ARG E 164 -58.58 29.50 -6.05
N LYS E 165 -57.65 29.54 -7.01
CA LYS E 165 -57.99 29.81 -8.40
C LYS E 165 -58.93 28.73 -8.91
N HIS E 166 -58.56 27.47 -8.62
CA HIS E 166 -59.26 26.31 -9.13
C HIS E 166 -60.70 26.29 -8.62
N LYS E 167 -60.87 26.53 -7.31
CA LYS E 167 -62.19 26.52 -6.69
C LYS E 167 -63.09 27.58 -7.32
N GLU E 168 -62.48 28.69 -7.74
CA GLU E 168 -63.13 29.86 -8.30
C GLU E 168 -63.10 29.83 -9.84
N GLU F 1 -18.16 11.28 14.58
CA GLU F 1 -19.36 11.07 13.73
C GLU F 1 -19.76 9.60 13.83
N ASP F 2 -18.74 8.77 13.66
CA ASP F 2 -18.82 7.35 13.94
C ASP F 2 -19.18 7.12 15.40
N VAL F 3 -18.87 8.12 16.25
CA VAL F 3 -18.86 8.04 17.71
C VAL F 3 -20.15 8.60 18.32
N VAL F 4 -21.18 8.72 17.48
CA VAL F 4 -22.56 8.55 17.89
C VAL F 4 -23.18 7.57 16.91
N GLY F 5 -22.42 7.24 15.86
CA GLY F 5 -22.97 6.75 14.61
C GLY F 5 -23.92 7.82 14.07
N GLY F 6 -25.14 7.80 14.64
CA GLY F 6 -26.22 8.71 14.30
C GLY F 6 -26.88 9.34 15.52
N CYS F 7 -26.40 9.01 16.73
CA CYS F 7 -27.01 9.39 18.01
C CYS F 7 -27.37 10.88 18.05
N CYS F 8 -28.67 11.19 17.81
CA CYS F 8 -29.23 12.53 17.67
C CYS F 8 -28.11 13.60 17.68
N GLU G 1 -12.60 11.70 27.26
CA GLU G 1 -11.47 12.14 28.13
C GLU G 1 -10.57 13.12 27.38
N ASP G 2 -9.87 12.57 26.39
CA ASP G 2 -8.95 13.33 25.58
C ASP G 2 -9.63 13.63 24.25
N VAL G 3 -10.07 12.55 23.57
CA VAL G 3 -10.38 12.56 22.13
C VAL G 3 -11.90 12.43 21.86
N VAL G 4 -12.58 11.53 22.58
CA VAL G 4 -13.99 11.81 22.82
C VAL G 4 -14.00 13.14 23.57
N GLY G 5 -13.39 13.10 24.77
CA GLY G 5 -13.05 14.26 25.56
C GLY G 5 -14.23 14.78 26.37
N GLY G 6 -14.67 15.98 25.97
CA GLY G 6 -15.99 16.51 26.32
C GLY G 6 -17.06 15.89 25.43
N CYS G 7 -16.73 15.74 24.13
CA CYS G 7 -17.57 15.08 23.15
C CYS G 7 -17.93 13.66 23.58
N CYS G 8 -18.85 13.10 22.80
CA CYS G 8 -19.78 12.10 23.29
C CYS G 8 -19.35 10.74 22.73
MG MG H . -11.69 -0.67 -1.32
PB GDP I . -14.08 2.06 -4.44
O1B GDP I . -15.22 2.98 -4.82
O2B GDP I . -14.18 1.32 -3.11
O3B GDP I . -12.72 2.71 -4.59
O3A GDP I . -14.08 0.92 -5.62
PA GDP I . -12.70 0.17 -6.20
O1A GDP I . -11.56 1.17 -6.01
O2A GDP I . -12.74 -1.23 -5.53
O5' GDP I . -12.81 0.08 -7.83
C5' GDP I . -13.97 -0.58 -8.31
C4' GDP I . -14.17 -0.71 -9.81
O4' GDP I . -14.04 0.49 -10.59
C3' GDP I . -13.27 -1.75 -10.41
O3' GDP I . -14.12 -2.58 -11.18
C2' GDP I . -12.38 -0.97 -11.33
O2' GDP I . -11.96 -1.76 -12.45
C1' GDP I . -13.23 0.24 -11.74
N9 GDP I . -12.37 1.43 -12.01
C8 GDP I . -11.48 1.85 -11.10
N7 GDP I . -10.79 2.95 -11.56
C5 GDP I . -11.25 3.26 -12.80
C6 GDP I . -10.92 4.32 -13.84
O6 GDP I . -10.02 5.21 -13.66
N1 GDP I . -11.62 4.29 -14.99
C2 GDP I . -12.58 3.35 -15.23
N2 GDP I . -13.21 3.43 -16.44
N3 GDP I . -12.93 2.35 -14.32
C4 GDP I . -12.31 2.25 -13.10
MG MG J . -5.47 -27.40 -1.81
PB GDP K . -3.43 -25.63 -2.84
O1B GDP K . -2.01 -25.61 -3.38
O2B GDP K . -3.65 -26.53 -1.62
O3B GDP K . -4.52 -25.70 -3.91
O3A GDP K . -3.39 -24.13 -2.19
PA GDP K . -4.45 -23.58 -1.05
O1A GDP K . -5.46 -22.69 -1.79
O2A GDP K . -4.87 -24.78 -0.14
O5' GDP K . -3.51 -22.48 -0.31
C5' GDP K . -3.27 -22.45 1.09
C4' GDP K . -2.93 -21.01 1.34
O4' GDP K . -3.13 -20.31 0.12
C3' GDP K . -3.89 -20.32 2.29
O3' GDP K . -3.30 -20.24 3.61
C2' GDP K . -4.17 -18.92 1.75
O2' GDP K . -3.75 -18.02 2.80
C1' GDP K . -3.29 -18.94 0.51
N9 GDP K . -3.53 -18.06 -0.70
C8 GDP K . -3.84 -18.45 -1.98
N7 GDP K . -3.91 -17.40 -2.88
C5 GDP K . -3.62 -16.27 -2.18
C6 GDP K . -3.51 -14.77 -2.47
O6 GDP K . -3.73 -14.28 -3.61
N1 GDP K . -3.15 -13.98 -1.44
C2 GDP K . -2.91 -14.50 -0.17
N2 GDP K . -2.56 -13.70 0.86
N3 GDP K . -3.01 -15.82 0.19
C4 GDP K . -3.34 -16.73 -0.76
MG MG L . 17.76 -19.50 16.74
PB GDP M . 18.97 -18.46 13.54
O1B GDP M . 18.26 -17.48 12.64
O2B GDP M . 18.37 -19.87 13.67
O3B GDP M . 19.33 -17.85 14.88
O3A GDP M . 20.40 -18.65 12.83
PA GDP M . 21.71 -18.99 13.70
O1A GDP M . 22.23 -17.84 14.54
O2A GDP M . 21.36 -20.32 14.38
O5' GDP M . 22.82 -19.11 12.54
C5' GDP M . 22.72 -20.02 11.45
C4' GDP M . 24.09 -20.00 10.76
O4' GDP M . 24.32 -18.79 10.03
C3' GDP M . 25.20 -20.10 11.79
O3' GDP M . 25.86 -21.35 11.62
C2' GDP M . 26.12 -18.91 11.59
O2' GDP M . 27.47 -19.33 11.37
C1' GDP M . 25.57 -18.18 10.36
N9 GDP M . 25.33 -16.73 10.58
C8 GDP M . 24.61 -16.19 11.60
N7 GDP M . 24.54 -14.83 11.52
C5 GDP M . 25.23 -14.45 10.42
C6 GDP M . 25.55 -13.14 9.74
O6 GDP M . 25.16 -12.05 10.18
N1 GDP M . 26.28 -13.13 8.63
C2 GDP M . 26.72 -14.27 8.10
N2 GDP M . 27.44 -14.13 6.97
N3 GDP M . 26.47 -15.50 8.65
C4 GDP M . 25.74 -15.68 9.80
MG MG N . 41.02 -4.39 8.98
PB GDP O . 39.85 -1.34 10.31
O1B GDP O . 41.30 -1.08 10.65
O2B GDP O . 39.19 -2.30 11.30
O3B GDP O . 39.71 -1.60 8.81
O3A GDP O . 39.09 0.12 10.48
PA GDP O . 37.49 0.52 10.51
O1A GDP O . 37.15 1.23 9.22
O2A GDP O . 36.60 -0.66 10.91
O5' GDP O . 37.49 1.61 11.71
C5' GDP O . 36.37 1.84 12.57
C4' GDP O . 35.52 2.99 12.05
O4' GDP O . 36.16 3.77 11.02
C3' GDP O . 34.23 2.51 11.40
O3' GDP O . 33.13 3.29 11.89
C2' GDP O . 34.39 2.77 9.92
O2' GDP O . 33.10 2.93 9.31
C1' GDP O . 35.16 4.07 10.02
N9 GDP O . 35.64 4.66 8.72
C8 GDP O . 36.28 4.05 7.69
N7 GDP O . 36.57 4.93 6.68
C5 GDP O . 36.12 6.14 7.04
C6 GDP O . 36.08 7.53 6.43
O6 GDP O . 36.58 7.82 5.28
N1 GDP O . 35.49 8.50 7.19
C2 GDP O . 34.95 8.27 8.43
N2 GDP O . 34.37 9.29 9.12
N3 GDP O . 34.95 7.04 9.01
C4 GDP O . 35.50 5.96 8.38
MG MG P . -40.12 10.86 5.56
PB GDP Q . -39.29 12.90 3.17
O1B GDP Q . -39.23 13.21 1.65
O2B GDP Q . -39.61 11.43 3.44
O3B GDP Q . -40.27 13.71 4.01
O3A GDP Q . -37.72 13.34 3.68
PA GDP Q . -37.05 13.43 5.21
O1A GDP Q . -38.13 13.54 6.28
O2A GDP Q . -36.27 12.15 5.39
O5' GDP Q . -36.15 14.75 5.47
C5' GDP Q . -35.10 15.04 4.58
C4' GDP Q . -33.68 14.68 5.06
O4' GDP Q . -32.65 15.40 4.33
C3' GDP Q . -33.33 14.99 6.50
O3' GDP Q . -32.32 14.05 6.87
C2' GDP Q . -32.70 16.37 6.46
O2' GDP Q . -31.50 16.35 7.28
C1' GDP Q . -32.44 16.67 4.96
N9 GDP Q . -33.35 17.72 4.30
C8 GDP Q . -34.72 17.71 4.14
N7 GDP Q . -35.20 18.81 3.46
C5 GDP Q . -34.11 19.57 3.16
C6 GDP Q . -33.82 20.90 2.47
O6 GDP Q . -34.72 21.62 1.98
N1 GDP Q . -32.55 21.33 2.37
C2 GDP Q . -31.53 20.60 2.88
N2 GDP Q . -30.26 21.07 2.77
N3 GDP Q . -31.69 19.40 3.53
C4 GDP Q . -32.92 18.84 3.70
#